data_6WJE
#
_entry.id   6WJE
#
_cell.length_a   63.700
_cell.length_b   87.460
_cell.length_c   143.270
_cell.angle_alpha   90.000
_cell.angle_beta   90.000
_cell.angle_gamma   90.000
#
_symmetry.space_group_name_H-M   'P 21 21 21'
#
loop_
_entity.id
_entity.type
_entity.pdbx_description
1 polymer 'DUF411 domain-containing protein'
2 polymer 'DUF411 domain-containing protein'
3 non-polymer 'COPPER (II) ION'
4 non-polymer 'ZINC ION'
5 non-polymer 'ACETATE ION'
6 water water
#
loop_
_entity_poly.entity_id
_entity_poly.type
_entity_poly.pdbx_seq_one_letter_code
_entity_poly.pdbx_strand_id
1 'polypeptide(L)'
;EPLAIDVHRDANCGCCKDWIKHLEANGFKVTDHVEADMSAVKSRLGVPYSMGSCHTGVIDGKFVEGHVPAADILKLRERA
DLVGAAVPGMPVGSPGMEMGDRQDAYQVVGLTRSGQASVLAEYPGR
;
A,B,E,F
2 'polypeptide(L)'
;EPLAIDVHRDANCGCCKDWIKHLEANGFKVTDHVEADMSAVKSRLGVPYSMGSCHTGVIDGKFVEGHVPAADILKLRERA
DLVGAAVPGMPVGSPGME(OMT)GDRQDAYQVVGLTRSGQASVLAEYPGR
;
C,D
#
loop_
_chem_comp.id
_chem_comp.type
_chem_comp.name
_chem_comp.formula
ACT non-polymer 'ACETATE ION' 'C2 H3 O2 -1'
CU non-polymer 'COPPER (II) ION' 'Cu 2'
ZN non-polymer 'ZINC ION' 'Zn 2'
#
# COMPACT_ATOMS: atom_id res chain seq x y z
N GLU A 1 -22.03 -48.84 3.15
CA GLU A 1 -21.40 -48.46 4.41
C GLU A 1 -20.07 -47.78 4.16
N PRO A 2 -20.08 -46.58 3.57
CA PRO A 2 -18.83 -45.83 3.37
C PRO A 2 -18.25 -45.39 4.70
N LEU A 3 -16.94 -45.33 4.77
CA LEU A 3 -16.31 -44.87 6.00
C LEU A 3 -16.57 -43.38 6.20
N ALA A 4 -16.81 -42.99 7.44
CA ALA A 4 -17.14 -41.64 7.82
C ALA A 4 -16.01 -41.06 8.66
N ILE A 5 -15.66 -39.80 8.42
CA ILE A 5 -14.64 -39.13 9.22
C ILE A 5 -15.07 -37.70 9.50
N ASP A 6 -14.86 -37.26 10.74
CA ASP A 6 -15.28 -35.95 11.22
C ASP A 6 -14.01 -35.14 11.37
N VAL A 7 -13.91 -34.03 10.62
CA VAL A 7 -12.70 -33.22 10.58
C VAL A 7 -13.00 -31.84 11.15
N HIS A 8 -12.14 -31.36 12.06
CA HIS A 8 -12.18 -29.98 12.53
C HIS A 8 -10.92 -29.30 12.00
N ARG A 9 -11.06 -28.06 11.52
CA ARG A 9 -9.92 -27.33 10.99
C ARG A 9 -10.27 -25.84 10.97
N ASP A 10 -9.22 -25.04 10.83
CA ASP A 10 -9.36 -23.59 10.72
C ASP A 10 -9.91 -23.16 9.36
N ALA A 11 -10.59 -22.01 9.35
CA ALA A 11 -11.24 -21.53 8.12
C ALA A 11 -10.25 -21.20 7.03
N ASN A 12 -9.02 -20.87 7.38
CA ASN A 12 -8.02 -20.46 6.42
C ASN A 12 -6.95 -21.54 6.20
N CYS A 13 -7.29 -22.82 6.37
CA CYS A 13 -6.34 -23.92 6.19
C CYS A 13 -6.70 -24.58 4.87
N GLY A 14 -6.03 -24.13 3.83
CA GLY A 14 -6.28 -24.63 2.51
C GLY A 14 -5.72 -26.02 2.27
N CYS A 15 -4.49 -26.31 2.71
CA CYS A 15 -4.06 -27.70 2.66
C CYS A 15 -5.08 -28.62 3.31
N CYS A 16 -5.59 -28.24 4.48
CA CYS A 16 -6.61 -29.06 5.15
C CYS A 16 -7.82 -29.32 4.25
N LYS A 17 -8.25 -28.31 3.46
CA LYS A 17 -9.35 -28.55 2.55
C LYS A 17 -8.96 -29.51 1.44
N ASP A 18 -7.71 -29.41 0.99
CA ASP A 18 -7.18 -30.30 -0.10
C ASP A 18 -7.24 -31.76 0.39
N TRP A 19 -6.79 -32.00 1.62
CA TRP A 19 -6.79 -33.33 2.22
C TRP A 19 -8.19 -33.92 2.28
N ILE A 20 -9.17 -33.12 2.69
CA ILE A 20 -10.56 -33.59 2.69
C ILE A 20 -10.98 -34.01 1.28
N LYS A 21 -10.53 -33.24 0.27
CA LYS A 21 -10.91 -33.57 -1.10
C LYS A 21 -10.23 -34.85 -1.58
N HIS A 22 -9.01 -35.12 -1.14
CA HIS A 22 -8.38 -36.40 -1.42
C HIS A 22 -9.16 -37.56 -0.75
N LEU A 23 -9.66 -37.36 0.49
CA LEU A 23 -10.46 -38.41 1.12
C LEU A 23 -11.76 -38.69 0.38
N GLU A 24 -12.50 -37.63 0.02
CA GLU A 24 -13.73 -37.84 -0.75
C GLU A 24 -13.43 -38.55 -2.08
N ALA A 25 -12.32 -38.19 -2.72
CA ALA A 25 -11.88 -38.90 -3.91
C ALA A 25 -11.55 -40.37 -3.64
N ASN A 26 -11.30 -40.74 -2.39
CA ASN A 26 -11.09 -42.14 -2.02
C ASN A 26 -12.36 -42.75 -1.41
N GLY A 27 -13.50 -42.05 -1.47
CA GLY A 27 -14.74 -42.65 -1.02
C GLY A 27 -15.18 -42.36 0.41
N PHE A 28 -14.40 -41.63 1.19
CA PHE A 28 -14.84 -41.32 2.54
C PHE A 28 -15.98 -40.32 2.55
N LYS A 29 -16.89 -40.51 3.49
CA LYS A 29 -17.91 -39.49 3.76
C LYS A 29 -17.31 -38.57 4.82
N VAL A 30 -17.04 -37.32 4.46
CA VAL A 30 -16.34 -36.40 5.34
C VAL A 30 -17.33 -35.34 5.83
N THR A 31 -17.37 -35.11 7.14
CA THR A 31 -18.00 -33.90 7.68
C THR A 31 -16.91 -32.91 8.08
N ASP A 32 -17.03 -31.70 7.53
CA ASP A 32 -16.07 -30.61 7.65
C ASP A 32 -16.54 -29.58 8.69
N HIS A 33 -15.89 -29.55 9.84
CA HIS A 33 -16.18 -28.55 10.87
C HIS A 33 -15.13 -27.47 10.81
N VAL A 34 -15.51 -26.26 10.42
CA VAL A 34 -14.59 -25.14 10.58
C VAL A 34 -14.61 -24.71 12.04
N GLU A 35 -13.43 -24.78 12.67
CA GLU A 35 -13.28 -24.44 14.11
C GLU A 35 -11.98 -23.65 14.30
N ALA A 36 -12.08 -22.49 14.95
CA ALA A 36 -10.92 -21.64 15.21
C ALA A 36 -10.09 -22.08 16.40
N ASP A 37 -10.50 -23.14 17.11
CA ASP A 37 -9.90 -23.49 18.41
C ASP A 37 -9.40 -24.95 18.38
N MET A 38 -8.37 -25.20 17.57
CA MET A 38 -7.88 -26.56 17.41
C MET A 38 -7.17 -27.09 18.63
N SER A 39 -6.66 -26.21 19.51
CA SER A 39 -6.07 -26.71 20.73
C SER A 39 -7.11 -27.43 21.58
N ALA A 40 -8.35 -26.91 21.62
CA ALA A 40 -9.38 -27.60 22.37
C ALA A 40 -9.64 -28.99 21.79
N VAL A 41 -9.69 -29.09 20.46
CA VAL A 41 -9.98 -30.38 19.81
C VAL A 41 -8.89 -31.38 20.13
N LYS A 42 -7.62 -30.97 19.98
CA LYS A 42 -6.50 -31.90 20.16
C LYS A 42 -6.40 -32.33 21.61
N SER A 43 -6.65 -31.40 22.53
CA SER A 43 -6.59 -31.75 23.93
C SER A 43 -7.74 -32.67 24.32
N ARG A 44 -8.92 -32.46 23.72
CA ARG A 44 -10.05 -33.31 24.01
C ARG A 44 -9.78 -34.76 23.59
N LEU A 45 -8.99 -34.97 22.55
CA LEU A 45 -8.71 -36.31 22.07
C LEU A 45 -7.38 -36.84 22.54
N GLY A 46 -6.70 -36.12 23.39
CA GLY A 46 -5.43 -36.62 23.85
C GLY A 46 -4.47 -36.75 22.69
N VAL A 47 -4.34 -35.74 21.85
CA VAL A 47 -3.30 -35.72 20.83
C VAL A 47 -2.06 -35.15 21.51
N PRO A 48 -0.97 -35.91 21.58
CA PRO A 48 0.23 -35.38 22.24
C PRO A 48 0.75 -34.18 21.48
N TYR A 49 1.12 -33.15 22.23
CA TYR A 49 1.62 -31.91 21.64
C TYR A 49 2.70 -32.20 20.60
N SER A 50 3.55 -33.19 20.87
CA SER A 50 4.65 -33.47 19.97
C SER A 50 4.20 -34.05 18.64
N MET A 51 2.93 -34.39 18.48
CA MET A 51 2.43 -34.95 17.23
C MET A 51 1.49 -34.00 16.52
N GLY A 52 1.44 -32.74 16.94
CA GLY A 52 0.42 -31.85 16.42
C GLY A 52 0.61 -31.54 14.95
N SER A 53 -0.48 -31.09 14.35
CA SER A 53 -0.52 -30.75 12.94
C SER A 53 -1.63 -29.72 12.70
N CYS A 54 -1.95 -29.49 11.42
CA CYS A 54 -2.88 -28.46 10.98
C CYS A 54 -4.35 -28.83 11.19
N HIS A 55 -4.71 -30.11 11.30
CA HIS A 55 -6.12 -30.44 11.40
C HIS A 55 -6.21 -31.70 12.24
N THR A 56 -7.41 -31.95 12.80
CA THR A 56 -7.67 -33.13 13.62
C THR A 56 -8.98 -33.80 13.21
N GLY A 57 -8.88 -35.04 12.77
CA GLY A 57 -10.00 -35.88 12.43
C GLY A 57 -10.31 -37.00 13.40
N VAL A 58 -11.54 -37.48 13.37
CA VAL A 58 -11.99 -38.62 14.16
C VAL A 58 -12.74 -39.59 13.26
N ILE A 59 -12.35 -40.86 13.31
CA ILE A 59 -13.03 -41.95 12.63
C ILE A 59 -13.14 -43.14 13.58
N ASP A 60 -14.34 -43.69 13.73
CA ASP A 60 -14.54 -44.89 14.54
C ASP A 60 -13.88 -44.74 15.90
N GLY A 61 -13.95 -43.54 16.46
CA GLY A 61 -13.45 -43.33 17.80
C GLY A 61 -11.99 -42.96 17.92
N LYS A 62 -11.20 -43.10 16.86
CA LYS A 62 -9.77 -42.84 16.94
C LYS A 62 -9.46 -41.52 16.23
N PHE A 63 -8.45 -40.80 16.70
CA PHE A 63 -8.15 -39.51 16.07
C PHE A 63 -7.20 -39.70 14.88
N VAL A 64 -7.26 -38.75 13.94
CA VAL A 64 -6.41 -38.76 12.74
C VAL A 64 -5.76 -37.38 12.65
N GLU A 65 -4.50 -37.27 13.05
CA GLU A 65 -3.84 -35.97 13.16
C GLU A 65 -2.99 -35.71 11.92
N GLY A 66 -3.35 -34.67 11.16
CA GLY A 66 -2.59 -34.24 10.00
C GLY A 66 -2.90 -35.04 8.75
N HIS A 67 -1.98 -34.93 7.80
CA HIS A 67 -2.17 -35.39 6.42
C HIS A 67 -1.84 -36.87 6.31
N VAL A 68 -2.62 -37.66 7.04
CA VAL A 68 -2.48 -39.13 7.01
C VAL A 68 -3.07 -39.66 5.71
N PRO A 69 -2.34 -40.51 4.97
CA PRO A 69 -2.92 -41.10 3.75
C PRO A 69 -4.08 -42.01 4.10
N ALA A 70 -5.03 -42.10 3.16
CA ALA A 70 -6.24 -42.89 3.39
C ALA A 70 -5.91 -44.36 3.65
N ALA A 71 -4.91 -44.89 2.95
CA ALA A 71 -4.53 -46.27 3.15
C ALA A 71 -4.08 -46.49 4.58
N ASP A 72 -3.48 -45.47 5.19
CA ASP A 72 -3.06 -45.63 6.57
C ASP A 72 -4.20 -45.43 7.56
N ILE A 73 -5.24 -44.70 7.17
CA ILE A 73 -6.45 -44.65 8.01
C ILE A 73 -7.10 -46.01 8.08
N LEU A 74 -7.10 -46.75 6.97
CA LEU A 74 -7.65 -48.09 6.97
C LEU A 74 -6.88 -49.00 7.93
N LYS A 75 -5.55 -48.91 7.96
CA LYS A 75 -4.79 -49.72 8.91
C LYS A 75 -5.11 -49.31 10.34
N LEU A 76 -5.24 -48.00 10.59
CA LEU A 76 -5.61 -47.50 11.91
C LEU A 76 -6.93 -48.11 12.38
N ARG A 77 -7.91 -48.24 11.49
CA ARG A 77 -9.20 -48.78 11.88
C ARG A 77 -9.05 -50.20 12.41
N GLU A 78 -8.17 -50.99 11.79
CA GLU A 78 -7.98 -52.41 12.07
C GLU A 78 -7.22 -52.68 13.37
N ARG A 79 -6.60 -51.66 13.97
CA ARG A 79 -5.65 -51.86 15.08
C ARG A 79 -6.27 -51.50 16.41
N ALA A 80 -6.67 -52.52 17.17
CA ALA A 80 -7.35 -52.27 18.45
C ALA A 80 -6.44 -51.64 19.51
N ASP A 81 -5.11 -51.74 19.36
CA ASP A 81 -4.19 -51.17 20.33
C ASP A 81 -3.94 -49.67 20.13
N LEU A 82 -4.41 -49.07 19.03
CA LEU A 82 -4.10 -47.69 18.68
C LEU A 82 -5.30 -46.81 18.91
N VAL A 83 -5.06 -45.63 19.50
CA VAL A 83 -6.11 -44.66 19.74
C VAL A 83 -6.05 -43.53 18.73
N GLY A 84 -5.05 -43.53 17.85
CA GLY A 84 -4.90 -42.47 16.86
C GLY A 84 -3.67 -42.71 16.01
N ALA A 85 -3.59 -41.95 14.94
CA ALA A 85 -2.41 -41.90 14.08
C ALA A 85 -2.20 -40.44 13.70
N ALA A 86 -0.93 -40.07 13.57
CA ALA A 86 -0.55 -38.69 13.30
C ALA A 86 0.51 -38.62 12.20
N VAL A 87 0.39 -37.61 11.34
CA VAL A 87 1.55 -37.14 10.58
C VAL A 87 1.85 -35.76 11.16
N PRO A 88 2.84 -35.64 12.06
CA PRO A 88 3.08 -34.34 12.71
C PRO A 88 3.56 -33.33 11.69
N GLY A 89 3.27 -32.04 11.96
CA GLY A 89 3.72 -30.96 11.08
C GLY A 89 3.00 -30.99 9.74
N MET A 90 3.68 -30.56 8.68
CA MET A 90 3.10 -30.47 7.34
C MET A 90 4.12 -30.84 6.27
N PRO A 91 4.49 -32.12 6.17
CA PRO A 91 5.49 -32.53 5.18
C PRO A 91 4.99 -32.35 3.75
N VAL A 92 5.82 -31.72 2.90
CA VAL A 92 5.44 -31.56 1.50
C VAL A 92 5.36 -32.91 0.82
N GLY A 93 4.34 -33.10 0.00
CA GLY A 93 4.14 -34.36 -0.65
C GLY A 93 3.15 -35.28 0.03
N SER A 94 2.81 -35.02 1.28
CA SER A 94 1.75 -35.80 1.88
C SER A 94 0.45 -35.34 1.23
N PRO A 95 -0.59 -36.16 1.28
CA PRO A 95 -1.82 -35.82 0.54
C PRO A 95 -2.46 -34.53 1.06
N GLY A 96 -2.77 -33.63 0.14
CA GLY A 96 -3.24 -32.31 0.50
C GLY A 96 -2.15 -31.31 0.74
N MET A 97 -0.89 -31.75 0.77
CA MET A 97 0.26 -30.87 0.90
C MET A 97 1.19 -30.99 -0.30
N GLU A 98 0.68 -31.49 -1.42
CA GLU A 98 1.52 -31.81 -2.57
C GLU A 98 1.91 -30.52 -3.32
N MET A 99 3.19 -30.37 -3.59
CA MET A 99 3.68 -29.12 -4.17
C MET A 99 4.74 -29.41 -5.22
N GLY A 100 4.41 -30.33 -6.10
CA GLY A 100 5.33 -30.65 -7.17
C GLY A 100 5.84 -32.07 -7.06
N ASP A 101 6.98 -32.33 -7.65
CA ASP A 101 7.47 -33.68 -7.68
C ASP A 101 8.31 -34.03 -6.45
N ARG A 102 8.90 -33.03 -5.79
CA ARG A 102 9.68 -33.31 -4.59
C ARG A 102 8.77 -33.59 -3.39
N GLN A 103 9.24 -34.48 -2.52
CA GLN A 103 8.48 -34.88 -1.34
C GLN A 103 9.37 -34.99 -0.11
N ASP A 104 8.95 -34.38 1.00
CA ASP A 104 9.52 -34.69 2.30
C ASP A 104 9.21 -36.12 2.74
N ALA A 105 10.20 -36.77 3.33
CA ALA A 105 9.98 -38.05 4.00
C ALA A 105 9.14 -37.81 5.25
N TYR A 106 8.25 -38.75 5.54
CA TYR A 106 7.46 -38.65 6.77
C TYR A 106 6.95 -40.02 7.15
N GLN A 107 6.52 -40.14 8.40
CA GLN A 107 5.94 -41.36 8.91
C GLN A 107 4.55 -41.11 9.46
N VAL A 108 3.71 -42.14 9.37
CA VAL A 108 2.47 -42.18 10.13
C VAL A 108 2.72 -42.88 11.45
N VAL A 109 2.51 -42.15 12.53
CA VAL A 109 2.86 -42.60 13.87
C VAL A 109 1.56 -42.85 14.61
N GLY A 110 1.33 -44.12 14.95
CA GLY A 110 0.18 -44.47 15.77
C GLY A 110 0.53 -44.24 17.23
N LEU A 111 -0.50 -43.95 18.02
CA LEU A 111 -0.36 -43.83 19.47
C LEU A 111 -1.13 -44.94 20.16
N THR A 112 -0.50 -45.60 21.12
CA THR A 112 -1.16 -46.70 21.81
C THR A 112 -2.01 -46.17 22.95
N ARG A 113 -2.86 -47.06 23.48
CA ARG A 113 -3.70 -46.73 24.63
CA ARG A 113 -3.71 -46.70 24.62
C ARG A 113 -2.90 -46.05 25.74
N SER A 114 -1.74 -46.58 26.06
CA SER A 114 -0.93 -46.13 27.18
C SER A 114 0.04 -45.02 26.80
N GLY A 115 0.01 -44.55 25.57
CA GLY A 115 0.81 -43.41 25.16
C GLY A 115 2.12 -43.65 24.44
N GLN A 116 2.31 -44.81 23.83
CA GLN A 116 3.58 -45.07 23.16
C GLN A 116 3.43 -44.85 21.65
N ALA A 117 4.52 -44.41 21.03
CA ALA A 117 4.53 -44.25 19.60
C ALA A 117 4.72 -45.63 18.95
N SER A 118 4.12 -45.79 17.77
CA SER A 118 4.22 -47.03 17.01
C SER A 118 4.14 -46.67 15.54
N VAL A 119 5.19 -46.96 14.78
CA VAL A 119 5.23 -46.54 13.38
C VAL A 119 4.30 -47.41 12.55
N LEU A 120 3.28 -46.77 11.92
CA LEU A 120 2.30 -47.42 11.05
C LEU A 120 2.74 -47.53 9.62
N ALA A 121 3.52 -46.58 9.13
CA ALA A 121 3.91 -46.46 7.74
C ALA A 121 5.07 -45.47 7.67
N GLU A 122 5.97 -45.71 6.72
CA GLU A 122 7.07 -44.80 6.47
C GLU A 122 7.06 -44.40 5.00
N TYR A 123 7.25 -43.14 4.72
CA TYR A 123 7.20 -42.68 3.34
C TYR A 123 8.52 -42.06 2.95
N PRO A 124 9.26 -42.68 2.04
CA PRO A 124 10.56 -42.16 1.63
C PRO A 124 10.44 -40.85 0.86
N GLY A 125 11.38 -39.94 1.11
CA GLY A 125 11.39 -38.70 0.38
C GLY A 125 11.86 -38.89 -1.06
N ARG A 126 11.27 -38.10 -1.95
CA ARG A 126 11.74 -38.04 -3.34
C ARG A 126 12.58 -36.77 -3.47
N GLU B 1 -16.35 -8.37 -20.13
CA GLU B 1 -14.96 -8.70 -20.41
C GLU B 1 -14.24 -9.15 -19.13
N PRO B 2 -14.48 -10.39 -18.70
CA PRO B 2 -13.74 -10.87 -17.52
C PRO B 2 -12.26 -10.91 -17.83
N LEU B 3 -11.44 -10.64 -16.83
CA LEU B 3 -10.01 -10.70 -17.08
C LEU B 3 -9.58 -12.16 -17.27
N ALA B 4 -8.72 -12.39 -18.24
CA ALA B 4 -8.24 -13.72 -18.58
C ALA B 4 -6.77 -13.82 -18.22
N ILE B 5 -6.38 -14.96 -17.66
CA ILE B 5 -4.99 -15.21 -17.32
C ILE B 5 -4.61 -16.64 -17.65
N ASP B 6 -3.41 -16.81 -18.22
CA ASP B 6 -2.93 -18.08 -18.72
C ASP B 6 -1.89 -18.54 -17.71
N VAL B 7 -2.11 -19.72 -17.09
CA VAL B 7 -1.31 -20.19 -15.97
C VAL B 7 -0.56 -21.48 -16.34
N HIS B 8 0.74 -21.53 -16.07
CA HIS B 8 1.57 -22.71 -16.31
C HIS B 8 2.11 -23.26 -14.99
N ARG B 9 2.06 -24.59 -14.84
CA ARG B 9 2.39 -25.21 -13.56
C ARG B 9 2.64 -26.70 -13.71
N ASP B 10 3.20 -27.29 -12.66
CA ASP B 10 3.43 -28.73 -12.59
C ASP B 10 2.14 -29.48 -12.28
N ALA B 11 2.06 -30.72 -12.76
CA ALA B 11 0.85 -31.52 -12.55
C ALA B 11 0.59 -31.84 -11.09
N ASN B 12 1.61 -31.97 -10.25
CA ASN B 12 1.39 -32.41 -8.87
C ASN B 12 1.60 -31.27 -7.87
N CYS B 13 1.35 -30.02 -8.36
CA CYS B 13 1.42 -28.72 -7.61
C CYS B 13 0.01 -28.34 -7.17
N GLY B 14 -0.40 -28.68 -5.95
CA GLY B 14 -1.72 -28.31 -5.54
C GLY B 14 -1.83 -26.89 -5.00
N CYS B 15 -0.83 -26.37 -4.27
CA CYS B 15 -0.80 -24.94 -4.01
C CYS B 15 -1.12 -24.13 -5.26
N CYS B 16 -0.52 -24.49 -6.40
CA CYS B 16 -0.86 -23.77 -7.63
C CYS B 16 -2.34 -23.94 -8.01
N LYS B 17 -2.86 -25.17 -7.90
CA LYS B 17 -4.26 -25.40 -8.27
C LYS B 17 -5.21 -24.62 -7.36
N ASP B 18 -4.84 -24.50 -6.09
CA ASP B 18 -5.64 -23.72 -5.11
C ASP B 18 -5.66 -22.25 -5.56
N TRP B 19 -4.49 -21.73 -5.94
CA TRP B 19 -4.37 -20.35 -6.41
C TRP B 19 -5.26 -20.10 -7.62
N ILE B 20 -5.29 -21.04 -8.57
CA ILE B 20 -6.20 -20.95 -9.72
C ILE B 20 -7.65 -20.86 -9.28
N LYS B 21 -8.02 -21.67 -8.27
CA LYS B 21 -9.39 -21.67 -7.82
C LYS B 21 -9.75 -20.37 -7.13
N HIS B 22 -8.80 -19.76 -6.42
CA HIS B 22 -9.07 -18.44 -5.87
C HIS B 22 -9.27 -17.40 -6.96
N LEU B 23 -8.49 -17.47 -8.04
CA LEU B 23 -8.68 -16.53 -9.14
C LEU B 23 -10.05 -16.70 -9.76
N GLU B 24 -10.42 -17.96 -10.04
CA GLU B 24 -11.73 -18.24 -10.61
C GLU B 24 -12.85 -17.76 -9.68
N ALA B 25 -12.68 -17.96 -8.36
CA ALA B 25 -13.64 -17.42 -7.40
C ALA B 25 -13.70 -15.90 -7.41
N ASN B 26 -12.65 -15.24 -7.87
CA ASN B 26 -12.66 -13.81 -8.00
C ASN B 26 -13.10 -13.37 -9.40
N GLY B 27 -13.58 -14.28 -10.24
CA GLY B 27 -14.11 -13.87 -11.52
C GLY B 27 -13.17 -13.95 -12.69
N PHE B 28 -11.92 -14.35 -12.49
CA PHE B 28 -10.99 -14.48 -13.60
C PHE B 28 -11.33 -15.69 -14.48
N LYS B 29 -11.07 -15.53 -15.77
CA LYS B 29 -11.11 -16.65 -16.70
C LYS B 29 -9.72 -17.24 -16.79
N VAL B 30 -9.53 -18.45 -16.26
CA VAL B 30 -8.22 -19.09 -16.13
C VAL B 30 -8.08 -20.25 -17.12
N THR B 31 -6.98 -20.25 -17.87
CA THR B 31 -6.58 -21.40 -18.67
C THR B 31 -5.48 -22.15 -17.91
N ASP B 32 -5.70 -23.43 -17.69
CA ASP B 32 -4.80 -24.24 -16.88
C ASP B 32 -3.91 -25.05 -17.83
N HIS B 33 -2.65 -24.64 -17.98
CA HIS B 33 -1.65 -25.37 -18.77
C HIS B 33 -0.75 -26.17 -17.81
N VAL B 34 -0.87 -27.48 -17.84
CA VAL B 34 0.06 -28.31 -17.08
C VAL B 34 1.36 -28.35 -17.85
N GLU B 35 2.48 -28.17 -17.16
CA GLU B 35 3.72 -27.94 -17.88
C GLU B 35 4.82 -28.81 -17.32
N ALA B 36 5.50 -29.52 -18.20
CA ALA B 36 6.66 -30.28 -17.77
C ALA B 36 7.98 -29.50 -17.82
N ASP B 37 8.08 -28.44 -18.61
CA ASP B 37 9.35 -27.65 -18.65
C ASP B 37 9.06 -26.20 -18.27
N MET B 38 9.14 -25.88 -16.98
CA MET B 38 8.77 -24.55 -16.49
C MET B 38 9.86 -23.50 -16.66
N SER B 39 11.13 -23.88 -16.64
CA SER B 39 12.18 -22.87 -16.82
C SER B 39 12.09 -22.25 -18.21
N ALA B 40 11.66 -23.03 -19.21
CA ALA B 40 11.46 -22.47 -20.54
C ALA B 40 10.40 -21.38 -20.50
N VAL B 41 9.32 -21.62 -19.76
CA VAL B 41 8.22 -20.65 -19.68
C VAL B 41 8.74 -19.37 -19.05
N LYS B 42 9.46 -19.50 -17.95
CA LYS B 42 9.93 -18.33 -17.21
C LYS B 42 10.88 -17.52 -18.07
N SER B 43 11.71 -18.20 -18.85
CA SER B 43 12.68 -17.49 -19.67
C SER B 43 12.00 -16.82 -20.86
N ARG B 44 10.97 -17.44 -21.43
CA ARG B 44 10.28 -16.81 -22.54
C ARG B 44 9.59 -15.51 -22.14
N LEU B 45 9.14 -15.40 -20.90
CA LEU B 45 8.50 -14.18 -20.44
C LEU B 45 9.47 -13.28 -19.69
N GLY B 46 10.74 -13.63 -19.66
CA GLY B 46 11.73 -12.80 -19.00
C GLY B 46 11.41 -12.63 -17.54
N VAL B 47 11.14 -13.72 -16.82
CA VAL B 47 11.01 -13.67 -15.38
C VAL B 47 12.41 -13.82 -14.77
N PRO B 48 12.86 -12.86 -13.96
CA PRO B 48 14.20 -12.98 -13.39
C PRO B 48 14.30 -14.18 -12.46
N TYR B 49 15.43 -14.90 -12.58
CA TYR B 49 15.67 -16.11 -11.81
C TYR B 49 15.41 -15.89 -10.33
N SER B 50 15.82 -14.77 -9.79
CA SER B 50 15.67 -14.54 -8.36
C SER B 50 14.21 -14.32 -7.98
N MET B 51 13.29 -14.22 -8.92
CA MET B 51 11.88 -14.04 -8.61
C MET B 51 11.07 -15.30 -8.88
N GLY B 52 11.72 -16.44 -9.13
CA GLY B 52 10.99 -17.62 -9.54
C GLY B 52 10.07 -18.15 -8.46
N SER B 53 9.10 -18.96 -8.86
CA SER B 53 8.18 -19.49 -7.90
C SER B 53 7.60 -20.77 -8.49
N CYS B 54 6.51 -21.29 -7.90
CA CYS B 54 5.98 -22.57 -8.36
C CYS B 54 5.23 -22.50 -9.68
N HIS B 55 4.78 -21.34 -10.10
CA HIS B 55 3.91 -21.28 -11.27
C HIS B 55 4.12 -19.93 -11.92
N THR B 56 3.74 -19.85 -13.20
CA THR B 56 3.92 -18.63 -13.97
C THR B 56 2.65 -18.33 -14.76
N GLY B 57 2.03 -17.20 -14.48
CA GLY B 57 0.89 -16.73 -15.24
C GLY B 57 1.16 -15.56 -16.17
N VAL B 58 0.31 -15.37 -17.18
CA VAL B 58 0.37 -14.23 -18.08
C VAL B 58 -1.02 -13.66 -18.22
N ILE B 59 -1.13 -12.34 -18.02
CA ILE B 59 -2.38 -11.60 -18.15
C ILE B 59 -2.05 -10.32 -18.92
N ASP B 60 -2.75 -10.09 -20.03
CA ASP B 60 -2.62 -8.86 -20.82
C ASP B 60 -1.14 -8.52 -21.06
N GLY B 61 -0.34 -9.54 -21.33
CA GLY B 61 1.05 -9.33 -21.68
C GLY B 61 2.03 -9.35 -20.54
N LYS B 62 1.56 -9.28 -19.30
CA LYS B 62 2.45 -9.19 -18.15
C LYS B 62 2.50 -10.51 -17.38
N PHE B 63 3.66 -10.80 -16.80
CA PHE B 63 3.78 -12.06 -16.09
C PHE B 63 3.43 -11.88 -14.61
N VAL B 64 2.91 -12.94 -14.02
CA VAL B 64 2.52 -12.97 -12.62
C VAL B 64 3.16 -14.22 -12.04
N GLU B 65 4.24 -14.04 -11.30
CA GLU B 65 5.04 -15.16 -10.82
C GLU B 65 4.67 -15.48 -9.37
N GLY B 66 4.14 -16.68 -9.14
CA GLY B 66 3.83 -17.12 -7.79
C GLY B 66 2.47 -16.64 -7.28
N HIS B 67 2.33 -16.69 -5.96
CA HIS B 67 1.04 -16.54 -5.29
C HIS B 67 0.70 -15.07 -5.07
N VAL B 68 0.58 -14.37 -6.18
CA VAL B 68 0.22 -12.95 -6.18
C VAL B 68 -1.26 -12.82 -5.85
N PRO B 69 -1.63 -11.99 -4.89
CA PRO B 69 -3.06 -11.80 -4.61
C PRO B 69 -3.76 -11.15 -5.80
N ALA B 70 -5.05 -11.46 -5.94
CA ALA B 70 -5.82 -10.94 -7.07
C ALA B 70 -5.84 -9.41 -7.07
N ALA B 71 -5.94 -8.79 -5.90
CA ALA B 71 -5.95 -7.34 -5.84
C ALA B 71 -4.64 -6.77 -6.40
N ASP B 72 -3.54 -7.50 -6.23
CA ASP B 72 -2.30 -7.03 -6.77
C ASP B 72 -2.17 -7.33 -8.26
N ILE B 73 -2.88 -8.35 -8.76
CA ILE B 73 -2.93 -8.53 -10.20
C ILE B 73 -3.66 -7.37 -10.85
N LEU B 74 -4.73 -6.86 -10.23
CA LEU B 74 -5.41 -5.69 -10.76
C LEU B 74 -4.49 -4.48 -10.79
N LYS B 75 -3.71 -4.31 -9.74
CA LYS B 75 -2.75 -3.22 -9.70
C LYS B 75 -1.67 -3.38 -10.77
N LEU B 76 -1.19 -4.61 -11.02
CA LEU B 76 -0.21 -4.79 -12.09
C LEU B 76 -0.75 -4.30 -13.44
N ARG B 77 -2.02 -4.62 -13.76
CA ARG B 77 -2.61 -4.21 -15.04
C ARG B 77 -2.65 -2.69 -15.17
N GLU B 78 -2.97 -2.00 -14.08
CA GLU B 78 -3.18 -0.56 -14.10
C GLU B 78 -1.85 0.19 -14.19
N ARG B 79 -0.71 -0.51 -14.06
CA ARG B 79 0.60 0.14 -13.88
C ARG B 79 1.38 0.05 -15.19
N ALA B 80 1.42 1.16 -15.94
CA ALA B 80 2.09 1.12 -17.24
C ALA B 80 3.59 0.93 -17.16
N ASP B 81 4.20 1.24 -16.01
CA ASP B 81 5.63 1.07 -15.84
C ASP B 81 6.05 -0.36 -15.48
N LEU B 82 5.13 -1.26 -15.17
CA LEU B 82 5.47 -2.60 -14.70
C LEU B 82 5.19 -3.64 -15.76
N VAL B 83 6.12 -4.57 -15.96
CA VAL B 83 5.91 -5.63 -16.92
C VAL B 83 5.58 -6.96 -16.28
N GLY B 84 5.57 -7.03 -14.95
CA GLY B 84 5.28 -8.28 -14.28
C GLY B 84 5.36 -8.06 -12.78
N ALA B 85 4.82 -9.05 -12.05
CA ALA B 85 4.91 -9.11 -10.60
C ALA B 85 5.19 -10.54 -10.12
N ALA B 86 5.96 -10.63 -9.04
CA ALA B 86 6.42 -11.91 -8.51
C ALA B 86 6.23 -11.91 -6.99
N VAL B 87 5.79 -13.05 -6.48
CA VAL B 87 6.00 -13.39 -5.06
C VAL B 87 7.00 -14.54 -5.04
N PRO B 88 8.28 -14.28 -4.81
CA PRO B 88 9.27 -15.37 -4.89
C PRO B 88 9.01 -16.44 -3.83
N GLY B 89 9.42 -17.66 -4.15
CA GLY B 89 9.27 -18.76 -3.22
C GLY B 89 7.81 -19.13 -3.04
N MET B 90 7.48 -19.61 -1.82
CA MET B 90 6.12 -20.06 -1.50
C MET B 90 5.81 -19.69 -0.06
N PRO B 91 5.59 -18.40 0.22
CA PRO B 91 5.31 -18.00 1.60
C PRO B 91 3.95 -18.49 2.10
N VAL B 92 3.95 -19.08 3.30
CA VAL B 92 2.69 -19.52 3.90
C VAL B 92 1.81 -18.30 4.18
N GLY B 93 0.51 -18.44 3.91
CA GLY B 93 -0.46 -17.38 4.08
C GLY B 93 -0.79 -16.60 2.82
N SER B 94 0.04 -16.69 1.78
CA SER B 94 -0.31 -16.11 0.49
C SER B 94 -1.41 -16.93 -0.19
N PRO B 95 -2.21 -16.33 -1.08
CA PRO B 95 -3.36 -17.05 -1.64
C PRO B 95 -2.95 -18.29 -2.42
N GLY B 96 -3.59 -19.41 -2.09
CA GLY B 96 -3.23 -20.72 -2.59
C GLY B 96 -2.18 -21.42 -1.76
N MET B 97 -1.53 -20.72 -0.81
CA MET B 97 -0.56 -21.27 0.13
C MET B 97 -0.99 -21.04 1.58
N GLU B 98 -2.29 -20.75 1.82
CA GLU B 98 -2.76 -20.43 3.17
C GLU B 98 -2.98 -21.73 3.96
N MET B 99 -2.48 -21.74 5.20
CA MET B 99 -2.48 -22.93 6.01
C MET B 99 -2.75 -22.46 7.44
N GLY B 100 -3.95 -21.97 7.68
CA GLY B 100 -4.29 -21.52 9.02
C GLY B 100 -3.92 -20.07 9.25
N ASP B 101 -3.75 -19.74 10.53
CA ASP B 101 -3.49 -18.37 10.96
C ASP B 101 -2.03 -17.92 10.83
N ARG B 102 -1.08 -18.82 10.63
CA ARG B 102 0.31 -18.41 10.43
C ARG B 102 0.51 -17.81 9.04
N GLN B 103 1.30 -16.74 8.96
CA GLN B 103 1.64 -16.13 7.68
C GLN B 103 3.09 -15.68 7.68
N ASP B 104 3.84 -16.11 6.67
CA ASP B 104 5.15 -15.54 6.41
C ASP B 104 5.02 -14.12 5.86
N ALA B 105 5.91 -13.23 6.29
CA ALA B 105 5.98 -11.93 5.65
C ALA B 105 6.46 -12.06 4.20
N TYR B 106 5.88 -11.26 3.32
CA TYR B 106 6.32 -11.32 1.94
C TYR B 106 5.94 -10.03 1.22
N GLN B 107 6.60 -9.82 0.08
CA GLN B 107 6.30 -8.70 -0.78
C GLN B 107 5.84 -9.17 -2.14
N VAL B 108 4.99 -8.37 -2.75
CA VAL B 108 4.71 -8.48 -4.17
C VAL B 108 5.64 -7.52 -4.89
N VAL B 109 6.54 -8.07 -5.70
CA VAL B 109 7.61 -7.30 -6.32
C VAL B 109 7.30 -7.14 -7.80
N GLY B 110 7.07 -5.89 -8.23
CA GLY B 110 6.91 -5.59 -9.65
C GLY B 110 8.24 -5.42 -10.36
N LEU B 111 8.26 -5.73 -11.66
CA LEU B 111 9.44 -5.49 -12.48
C LEU B 111 9.10 -4.37 -13.46
N THR B 112 9.96 -3.35 -13.54
CA THR B 112 9.63 -2.17 -14.34
C THR B 112 10.14 -2.32 -15.77
N ARG B 113 9.68 -1.39 -16.63
CA ARG B 113 10.09 -1.30 -18.03
C ARG B 113 11.57 -0.98 -18.20
N SER B 114 12.22 -0.47 -17.17
CA SER B 114 13.67 -0.31 -17.15
C SER B 114 14.38 -1.52 -16.58
N GLY B 115 13.64 -2.53 -16.13
CA GLY B 115 14.26 -3.73 -15.58
C GLY B 115 14.58 -3.65 -14.11
N GLN B 116 13.96 -2.72 -13.40
CA GLN B 116 14.23 -2.52 -12.00
C GLN B 116 13.13 -3.16 -11.16
N ALA B 117 13.50 -3.58 -9.95
CA ALA B 117 12.55 -4.11 -9.01
C ALA B 117 11.79 -2.97 -8.35
N SER B 118 10.53 -3.22 -8.01
CA SER B 118 9.74 -2.16 -7.40
C SER B 118 8.66 -2.81 -6.55
N VAL B 119 8.61 -2.43 -5.28
CA VAL B 119 7.69 -3.08 -4.35
C VAL B 119 6.27 -2.59 -4.63
N LEU B 120 5.39 -3.52 -5.03
CA LEU B 120 3.98 -3.27 -5.28
C LEU B 120 3.11 -3.43 -4.02
N ALA B 121 3.47 -4.34 -3.10
CA ALA B 121 2.66 -4.61 -1.89
C ALA B 121 3.50 -5.38 -0.89
N GLU B 122 3.24 -5.12 0.40
CA GLU B 122 3.90 -5.82 1.51
C GLU B 122 2.86 -6.39 2.44
N TYR B 123 3.07 -7.62 2.89
CA TYR B 123 2.12 -8.31 3.74
C TYR B 123 2.84 -8.81 4.98
N PRO B 124 2.47 -8.35 6.16
CA PRO B 124 3.20 -8.71 7.39
C PRO B 124 3.04 -10.17 7.75
N GLY B 125 4.02 -10.66 8.51
CA GLY B 125 3.88 -11.98 9.11
C GLY B 125 2.86 -12.03 10.24
N ARG B 126 2.27 -13.22 10.40
CA ARG B 126 1.32 -13.47 11.48
C ARG B 126 1.65 -14.81 12.14
N GLU C 1 -16.37 -17.07 -13.95
CA GLU C 1 -17.61 -16.28 -13.84
C GLU C 1 -17.33 -14.84 -13.41
N PRO C 2 -17.59 -13.86 -14.28
CA PRO C 2 -17.29 -12.47 -13.89
C PRO C 2 -18.12 -12.02 -12.70
N LEU C 3 -17.49 -11.22 -11.84
CA LEU C 3 -18.19 -10.70 -10.66
C LEU C 3 -19.22 -9.67 -11.10
N ALA C 4 -20.38 -9.70 -10.46
CA ALA C 4 -21.47 -8.81 -10.77
C ALA C 4 -21.68 -7.82 -9.63
N ILE C 5 -21.92 -6.56 -9.98
CA ILE C 5 -22.21 -5.54 -8.99
C ILE C 5 -23.34 -4.67 -9.51
N ASP C 6 -24.28 -4.35 -8.62
CA ASP C 6 -25.48 -3.56 -8.88
C ASP C 6 -25.19 -2.24 -8.21
N VAL C 7 -25.19 -1.17 -9.00
CA VAL C 7 -24.74 0.14 -8.53
C VAL C 7 -25.97 1.04 -8.51
N HIS C 8 -26.24 1.65 -7.37
CA HIS C 8 -27.36 2.54 -7.20
C HIS C 8 -26.84 3.97 -7.02
N ARG C 9 -27.46 4.93 -7.71
CA ARG C 9 -26.95 6.30 -7.79
C ARG C 9 -28.04 7.24 -8.26
N ASP C 10 -27.81 8.53 -8.04
CA ASP C 10 -28.70 9.53 -8.61
C ASP C 10 -28.48 9.59 -10.12
N ALA C 11 -29.50 10.06 -10.85
CA ALA C 11 -29.40 10.14 -12.30
C ALA C 11 -28.31 11.11 -12.74
N ASN C 12 -27.95 12.05 -11.88
CA ASN C 12 -26.92 13.05 -12.16
C ASN C 12 -25.74 12.74 -11.27
N CYS C 13 -24.77 11.99 -11.82
N CYS C 13 -24.74 12.07 -11.86
CA CYS C 13 -23.55 11.69 -11.06
CA CYS C 13 -23.59 11.58 -11.12
C CYS C 13 -22.48 11.27 -12.06
C CYS C 13 -22.44 11.24 -12.06
N GLY C 14 -21.68 12.25 -12.50
CA GLY C 14 -20.65 11.97 -13.47
C GLY C 14 -19.52 11.14 -12.90
N CYS C 15 -19.01 11.54 -11.73
CA CYS C 15 -18.04 10.72 -11.01
C CYS C 15 -18.48 9.28 -10.82
N CYS C 16 -19.76 9.05 -10.53
N CYS C 16 -19.77 9.06 -10.54
CA CYS C 16 -20.23 7.69 -10.35
CA CYS C 16 -20.27 7.71 -10.37
C CYS C 16 -20.07 6.85 -11.63
C CYS C 16 -20.04 6.86 -11.63
N LYS C 17 -20.23 7.47 -12.81
CA LYS C 17 -20.11 6.74 -14.05
C LYS C 17 -18.66 6.45 -14.41
N ASP C 18 -17.75 7.36 -14.05
CA ASP C 18 -16.31 7.16 -14.29
C ASP C 18 -15.88 5.93 -13.47
N TRP C 19 -16.37 5.85 -12.24
CA TRP C 19 -16.12 4.72 -11.34
C TRP C 19 -16.63 3.41 -11.93
N ILE C 20 -17.84 3.43 -12.50
CA ILE C 20 -18.37 2.24 -13.15
C ILE C 20 -17.46 1.79 -14.29
N LYS C 21 -16.92 2.75 -15.05
CA LYS C 21 -16.07 2.41 -16.18
C LYS C 21 -14.74 1.83 -15.71
N HIS C 22 -14.23 2.31 -14.57
CA HIS C 22 -13.03 1.69 -14.01
C HIS C 22 -13.32 0.25 -13.60
N LEU C 23 -14.50 -0.02 -13.04
CA LEU C 23 -14.86 -1.39 -12.70
C LEU C 23 -14.97 -2.25 -13.95
N GLU C 24 -15.66 -1.72 -14.97
CA GLU C 24 -15.81 -2.45 -16.22
C GLU C 24 -14.45 -2.75 -16.86
N ALA C 25 -13.53 -1.78 -16.86
CA ALA C 25 -12.18 -2.06 -17.34
C ALA C 25 -11.45 -3.11 -16.49
N ASN C 26 -11.88 -3.36 -15.25
CA ASN C 26 -11.30 -4.42 -14.44
C ASN C 26 -12.06 -5.73 -14.55
N GLY C 27 -13.03 -5.83 -15.45
CA GLY C 27 -13.73 -7.07 -15.68
C GLY C 27 -15.05 -7.26 -14.95
N PHE C 28 -15.48 -6.30 -14.12
CA PHE C 28 -16.74 -6.48 -13.41
C PHE C 28 -17.93 -6.34 -14.35
N LYS C 29 -18.97 -7.13 -14.10
CA LYS C 29 -20.25 -6.96 -14.79
C LYS C 29 -21.07 -6.01 -13.95
N VAL C 30 -21.35 -4.82 -14.48
CA VAL C 30 -21.99 -3.77 -13.68
C VAL C 30 -23.39 -3.55 -14.20
N THR C 31 -24.36 -3.55 -13.28
CA THR C 31 -25.70 -3.03 -13.53
C THR C 31 -25.78 -1.61 -12.96
N ASP C 32 -26.15 -0.66 -13.81
CA ASP C 32 -26.19 0.76 -13.47
C ASP C 32 -27.64 1.07 -13.10
N HIS C 33 -27.92 1.18 -11.82
CA HIS C 33 -29.27 1.39 -11.30
C HIS C 33 -29.44 2.84 -10.83
N VAL C 34 -30.19 3.60 -11.59
CA VAL C 34 -30.54 4.96 -11.21
C VAL C 34 -31.66 4.92 -10.19
N GLU C 35 -31.52 5.71 -9.12
CA GLU C 35 -32.36 5.61 -7.93
C GLU C 35 -32.85 7.00 -7.54
N ALA C 36 -34.14 7.11 -7.27
CA ALA C 36 -34.69 8.38 -6.79
C ALA C 36 -34.62 8.56 -5.28
N ASP C 37 -34.27 7.52 -4.50
CA ASP C 37 -34.26 7.63 -3.04
C ASP C 37 -32.92 7.07 -2.52
N MET C 38 -31.83 7.78 -2.79
CA MET C 38 -30.53 7.22 -2.43
C MET C 38 -30.33 7.16 -0.92
N SER C 39 -30.96 8.06 -0.16
CA SER C 39 -30.90 7.95 1.29
C SER C 39 -31.64 6.72 1.77
N ALA C 40 -32.75 6.39 1.11
CA ALA C 40 -33.45 5.15 1.41
C ALA C 40 -32.56 3.95 1.11
N VAL C 41 -31.84 3.97 -0.01
CA VAL C 41 -31.00 2.84 -0.38
C VAL C 41 -29.92 2.61 0.66
N LYS C 42 -29.22 3.69 1.05
CA LYS C 42 -28.09 3.54 1.95
C LYS C 42 -28.54 3.01 3.31
N SER C 43 -29.65 3.51 3.83
CA SER C 43 -30.10 3.02 5.12
C SER C 43 -30.61 1.59 4.99
N ARG C 44 -31.22 1.26 3.84
CA ARG C 44 -31.70 -0.10 3.61
C ARG C 44 -30.54 -1.10 3.66
N LEU C 45 -29.33 -0.69 3.25
CA LEU C 45 -28.17 -1.58 3.30
C LEU C 45 -27.31 -1.39 4.54
N GLY C 46 -27.74 -0.57 5.49
CA GLY C 46 -26.94 -0.36 6.68
C GLY C 46 -25.60 0.30 6.38
N VAL C 47 -25.60 1.40 5.64
CA VAL C 47 -24.41 2.24 5.48
C VAL C 47 -24.42 3.25 6.64
N PRO C 48 -23.42 3.24 7.51
CA PRO C 48 -23.42 4.20 8.62
C PRO C 48 -23.30 5.62 8.08
N TYR C 49 -24.02 6.53 8.73
CA TYR C 49 -24.09 7.94 8.33
C TYR C 49 -22.73 8.58 8.04
N SER C 50 -21.75 8.40 8.92
CA SER C 50 -20.48 9.10 8.67
C SER C 50 -19.67 8.52 7.51
N MET C 51 -20.13 7.43 6.91
CA MET C 51 -19.39 6.80 5.83
C MET C 51 -20.05 6.99 4.47
N GLY C 52 -21.06 7.85 4.37
CA GLY C 52 -21.84 7.97 3.16
C GLY C 52 -21.05 8.55 2.00
N SER C 53 -21.55 8.33 0.79
CA SER C 53 -20.87 8.83 -0.40
C SER C 53 -21.87 9.01 -1.54
N CYS C 54 -21.34 9.25 -2.74
CA CYS C 54 -22.14 9.56 -3.91
C CYS C 54 -22.95 8.36 -4.44
N HIS C 55 -22.53 7.13 -4.17
CA HIS C 55 -23.20 5.98 -4.78
C HIS C 55 -23.01 4.79 -3.86
N THR C 56 -23.86 3.77 -4.03
CA THR C 56 -23.78 2.55 -3.24
C THR C 56 -23.92 1.36 -4.17
N GLY C 57 -22.90 0.52 -4.20
CA GLY C 57 -22.94 -0.72 -4.95
C GLY C 57 -23.27 -1.91 -4.06
N VAL C 58 -23.76 -2.98 -4.68
CA VAL C 58 -24.04 -4.22 -3.96
C VAL C 58 -23.43 -5.39 -4.75
N ILE C 59 -22.59 -6.16 -4.11
CA ILE C 59 -21.95 -7.31 -4.73
C ILE C 59 -22.01 -8.49 -3.77
N ASP C 60 -22.62 -9.60 -4.22
CA ASP C 60 -22.68 -10.85 -3.46
C ASP C 60 -23.13 -10.57 -2.03
N GLY C 61 -24.09 -9.65 -1.88
CA GLY C 61 -24.66 -9.35 -0.60
C GLY C 61 -24.00 -8.21 0.16
N LYS C 62 -22.83 -7.74 -0.25
CA LYS C 62 -22.14 -6.72 0.51
C LYS C 62 -22.23 -5.35 -0.18
N PHE C 63 -22.27 -4.29 0.62
CA PHE C 63 -22.40 -2.97 0.03
C PHE C 63 -21.01 -2.38 -0.22
N VAL C 64 -20.93 -1.53 -1.23
CA VAL C 64 -19.70 -0.84 -1.63
C VAL C 64 -20.05 0.64 -1.71
N GLU C 65 -19.65 1.42 -0.71
CA GLU C 65 -20.06 2.82 -0.62
C GLU C 65 -18.95 3.72 -1.15
N GLY C 66 -19.23 4.44 -2.24
CA GLY C 66 -18.28 5.38 -2.76
C GLY C 66 -17.21 4.76 -3.64
N HIS C 67 -16.13 5.51 -3.81
CA HIS C 67 -15.12 5.23 -4.82
C HIS C 67 -14.09 4.20 -4.30
N VAL C 68 -14.60 3.02 -3.98
CA VAL C 68 -13.71 1.95 -3.51
C VAL C 68 -12.94 1.38 -4.70
N PRO C 69 -11.63 1.25 -4.61
CA PRO C 69 -10.86 0.62 -5.69
C PRO C 69 -11.25 -0.84 -5.86
N ALA C 70 -11.15 -1.33 -7.10
CA ALA C 70 -11.53 -2.70 -7.40
C ALA C 70 -10.71 -3.68 -6.59
N ALA C 71 -9.42 -3.37 -6.37
CA ALA C 71 -8.58 -4.29 -5.61
C ALA C 71 -9.13 -4.49 -4.20
N ASP C 72 -9.74 -3.45 -3.63
CA ASP C 72 -10.31 -3.57 -2.30
C ASP C 72 -11.70 -4.17 -2.28
N ILE C 73 -12.44 -4.09 -3.39
CA ILE C 73 -13.68 -4.85 -3.50
C ILE C 73 -13.39 -6.35 -3.49
N LEU C 74 -12.31 -6.75 -4.14
CA LEU C 74 -11.93 -8.16 -4.09
C LEU C 74 -11.66 -8.57 -2.66
N LYS C 75 -11.02 -7.68 -1.89
CA LYS C 75 -10.76 -7.97 -0.50
C LYS C 75 -12.06 -8.09 0.30
N LEU C 76 -13.02 -7.23 0.01
CA LEU C 76 -14.33 -7.30 0.65
C LEU C 76 -14.96 -8.66 0.43
N ARG C 77 -14.90 -9.18 -0.79
CA ARG C 77 -15.51 -10.47 -1.08
C ARG C 77 -14.85 -11.58 -0.26
N GLU C 78 -13.52 -11.53 -0.15
CA GLU C 78 -12.76 -12.60 0.49
C GLU C 78 -12.90 -12.59 2.02
N ARG C 79 -13.54 -11.58 2.61
CA ARG C 79 -13.55 -11.39 4.06
C ARG C 79 -14.91 -11.84 4.60
N ALA C 80 -14.95 -13.05 5.18
CA ALA C 80 -16.22 -13.57 5.65
C ALA C 80 -16.84 -12.74 6.78
N ASP C 81 -16.05 -11.93 7.51
CA ASP C 81 -16.54 -11.08 8.59
C ASP C 81 -17.09 -9.73 8.13
N LEU C 82 -16.93 -9.34 6.87
CA LEU C 82 -17.34 -8.00 6.45
C LEU C 82 -18.60 -8.06 5.59
N VAL C 83 -19.53 -7.15 5.87
CA VAL C 83 -20.76 -7.02 5.11
C VAL C 83 -20.74 -5.82 4.17
N GLY C 84 -19.69 -5.01 4.18
CA GLY C 84 -19.65 -3.84 3.31
C GLY C 84 -18.32 -3.12 3.42
N ALA C 85 -18.08 -2.23 2.45
CA ALA C 85 -16.94 -1.34 2.46
C ALA C 85 -17.32 0.06 1.98
N ALA C 86 -16.65 1.06 2.57
CA ALA C 86 -16.94 2.46 2.27
C ALA C 86 -15.65 3.23 2.06
N VAL C 87 -15.67 4.11 1.06
CA VAL C 87 -14.71 5.22 1.04
C VAL C 87 -15.55 6.46 1.31
N PRO C 88 -15.59 6.97 2.54
CA PRO C 88 -16.49 8.09 2.83
C PRO C 88 -16.14 9.30 1.99
N GLY C 89 -17.16 10.12 1.70
CA GLY C 89 -16.94 11.34 0.95
C GLY C 89 -16.57 11.12 -0.51
N MET C 90 -15.73 12.03 -1.02
CA MET C 90 -15.28 11.98 -2.41
C MET C 90 -13.84 12.46 -2.47
N PRO C 91 -12.90 11.67 -1.96
CA PRO C 91 -11.50 12.11 -2.01
C PRO C 91 -10.98 12.21 -3.43
N VAL C 92 -10.36 13.35 -3.75
CA VAL C 92 -9.78 13.51 -5.08
C VAL C 92 -8.64 12.51 -5.23
N GLY C 93 -8.55 11.89 -6.41
CA GLY C 93 -7.57 10.88 -6.68
C GLY C 93 -8.09 9.47 -6.52
N SER C 94 -9.23 9.28 -5.88
CA SER C 94 -9.84 7.96 -5.87
C SER C 94 -10.42 7.69 -7.25
N PRO C 95 -10.63 6.41 -7.61
CA PRO C 95 -11.06 6.11 -8.98
C PRO C 95 -12.41 6.72 -9.30
N GLY C 96 -12.49 7.41 -10.44
CA GLY C 96 -13.67 8.16 -10.79
C GLY C 96 -13.74 9.57 -10.25
N MET C 97 -12.85 9.92 -9.33
CA MET C 97 -12.71 11.28 -8.80
C MET C 97 -11.31 11.85 -9.03
N GLU C 98 -10.55 11.26 -9.96
CA GLU C 98 -9.20 11.73 -10.22
C GLU C 98 -9.28 13.00 -11.09
N OMT C 99 -8.61 14.06 -10.65
CA OMT C 99 -8.43 15.21 -11.51
CB OMT C 99 -9.37 16.44 -11.32
CG OMT C 99 -10.21 16.81 -12.59
SD OMT C 99 -11.93 16.55 -12.49
CE OMT C 99 -11.92 15.99 -10.88
C OMT C 99 -6.98 15.61 -11.25
O OMT C 99 -6.57 16.09 -10.20
OD1 OMT C 99 -12.46 15.50 -13.26
OD2 OMT C 99 -12.66 17.73 -12.52
N GLY C 100 -6.15 15.34 -12.26
CA GLY C 100 -4.77 15.75 -12.22
C GLY C 100 -3.93 14.94 -11.25
N ASP C 101 -2.89 15.59 -10.74
CA ASP C 101 -1.89 14.98 -9.86
C ASP C 101 -2.34 14.93 -8.40
N ARG C 102 -3.45 15.58 -8.06
CA ARG C 102 -3.86 15.63 -6.67
C ARG C 102 -4.42 14.31 -6.17
N GLN C 103 -4.03 13.94 -4.95
CA GLN C 103 -4.45 12.69 -4.30
C GLN C 103 -4.69 12.98 -2.83
N ASP C 104 -5.97 13.13 -2.45
CA ASP C 104 -6.30 13.22 -1.03
C ASP C 104 -6.07 11.86 -0.37
N ALA C 105 -5.51 11.88 0.83
CA ALA C 105 -5.45 10.64 1.62
C ALA C 105 -6.84 10.18 2.00
N TYR C 106 -7.03 8.86 1.97
CA TYR C 106 -8.33 8.30 2.33
C TYR C 106 -8.16 6.84 2.74
N GLN C 107 -9.20 6.31 3.42
CA GLN C 107 -9.23 4.90 3.79
C GLN C 107 -10.39 4.18 3.10
N VAL C 108 -10.20 2.89 2.84
CA VAL C 108 -11.31 1.99 2.59
C VAL C 108 -11.65 1.32 3.93
N VAL C 109 -12.86 1.55 4.40
CA VAL C 109 -13.26 1.14 5.74
C VAL C 109 -14.18 -0.05 5.58
N GLY C 110 -13.79 -1.19 6.11
CA GLY C 110 -14.70 -2.32 6.13
C GLY C 110 -15.65 -2.22 7.33
N LEU C 111 -16.84 -2.75 7.14
CA LEU C 111 -17.86 -2.83 8.17
C LEU C 111 -18.18 -4.28 8.49
N THR C 112 -18.34 -4.60 9.78
CA THR C 112 -18.69 -5.96 10.18
C THR C 112 -20.22 -6.11 10.27
N ARG C 113 -20.66 -7.37 10.39
CA ARG C 113 -22.09 -7.66 10.52
C ARG C 113 -22.75 -6.79 11.60
N SER C 114 -22.05 -6.58 12.72
CA SER C 114 -22.55 -5.74 13.80
C SER C 114 -22.29 -4.26 13.59
N GLY C 115 -21.52 -3.88 12.59
CA GLY C 115 -21.21 -2.47 12.39
C GLY C 115 -19.90 -1.97 12.96
N GLN C 116 -18.92 -2.84 13.18
CA GLN C 116 -17.62 -2.38 13.68
C GLN C 116 -16.76 -2.01 12.47
N ALA C 117 -15.93 -0.99 12.64
CA ALA C 117 -15.00 -0.57 11.61
C ALA C 117 -13.74 -1.43 11.61
N SER C 118 -13.19 -1.62 10.41
CA SER C 118 -11.92 -2.35 10.24
C SER C 118 -11.32 -1.86 8.94
N VAL C 119 -10.13 -1.26 9.02
CA VAL C 119 -9.53 -0.61 7.87
C VAL C 119 -9.00 -1.65 6.87
N LEU C 120 -9.56 -1.64 5.66
CA LEU C 120 -9.10 -2.53 4.59
C LEU C 120 -7.87 -2.00 3.88
N ALA C 121 -7.73 -0.67 3.78
CA ALA C 121 -6.65 -0.09 2.99
C ALA C 121 -6.52 1.39 3.35
N GLU C 122 -5.29 1.88 3.26
CA GLU C 122 -5.03 3.28 3.49
C GLU C 122 -4.31 3.79 2.25
N TYR C 123 -4.70 4.96 1.79
CA TYR C 123 -4.12 5.56 0.61
C TYR C 123 -3.60 6.91 1.08
N PRO C 124 -2.28 7.04 1.27
CA PRO C 124 -1.63 8.23 1.82
C PRO C 124 -1.69 9.46 0.90
N GLU D 1 -20.75 11.22 -42.41
CA GLU D 1 -19.46 11.82 -42.13
C GLU D 1 -19.76 12.43 -40.72
N PRO D 2 -19.58 11.59 -39.70
CA PRO D 2 -19.85 12.01 -38.33
C PRO D 2 -18.92 13.15 -37.95
N LEU D 3 -19.42 14.06 -37.12
CA LEU D 3 -18.55 15.15 -36.72
C LEU D 3 -17.45 14.61 -35.82
N ALA D 4 -16.23 15.10 -36.06
CA ALA D 4 -15.05 14.66 -35.36
C ALA D 4 -14.55 15.80 -34.48
N ILE D 5 -14.10 15.46 -33.27
CA ILE D 5 -13.56 16.46 -32.37
C ILE D 5 -12.34 15.87 -31.70
N ASP D 6 -11.31 16.68 -31.58
CA ASP D 6 -10.00 16.31 -31.11
C ASP D 6 -9.86 16.89 -29.70
N VAL D 7 -9.72 16.04 -28.69
CA VAL D 7 -9.80 16.47 -27.29
C VAL D 7 -8.46 16.27 -26.61
N HIS D 8 -7.99 17.31 -25.94
CA HIS D 8 -6.77 17.25 -25.16
C HIS D 8 -7.09 17.43 -23.67
N ARG D 9 -6.42 16.67 -22.84
CA ARG D 9 -6.75 16.65 -21.43
C ARG D 9 -5.57 16.03 -20.69
N ASP D 10 -5.59 16.21 -19.37
CA ASP D 10 -4.65 15.52 -18.51
C ASP D 10 -5.05 14.05 -18.41
N ALA D 11 -4.06 13.20 -18.14
CA ALA D 11 -4.33 11.77 -18.06
C ALA D 11 -5.26 11.46 -16.90
N ASN D 12 -5.23 12.30 -15.86
CA ASN D 12 -6.05 12.13 -14.68
C ASN D 12 -7.08 13.24 -14.67
N CYS D 13 -8.22 13.01 -15.31
N CYS D 13 -8.28 12.94 -15.16
CA CYS D 13 -9.36 13.89 -15.10
CA CYS D 13 -9.36 13.92 -15.21
C CYS D 13 -10.63 13.13 -15.46
C CYS D 13 -10.69 13.19 -15.49
N GLY D 14 -11.38 12.75 -14.44
CA GLY D 14 -12.59 11.97 -14.66
C GLY D 14 -13.71 12.75 -15.32
N CYS D 15 -13.99 13.96 -14.85
CA CYS D 15 -14.98 14.81 -15.54
C CYS D 15 -14.72 14.97 -17.05
N CYS D 16 -13.44 14.98 -17.46
N CYS D 16 -13.45 15.01 -17.47
CA CYS D 16 -13.17 15.13 -18.89
CA CYS D 16 -13.16 15.12 -18.89
C CYS D 16 -13.57 13.88 -19.68
C CYS D 16 -13.59 13.89 -19.68
N LYS D 17 -13.47 12.69 -19.07
CA LYS D 17 -13.90 11.47 -19.74
C LYS D 17 -15.42 11.35 -19.80
N ASP D 18 -16.15 11.83 -18.77
CA ASP D 18 -17.59 11.78 -18.86
C ASP D 18 -18.13 12.70 -19.95
N TRP D 19 -17.58 13.92 -20.04
CA TRP D 19 -17.98 14.82 -21.10
C TRP D 19 -17.73 14.19 -22.46
N ILE D 20 -16.58 13.53 -22.63
CA ILE D 20 -16.34 12.82 -23.90
C ILE D 20 -17.42 11.77 -24.12
N LYS D 21 -17.85 11.10 -23.06
CA LYS D 21 -18.85 10.07 -23.23
C LYS D 21 -20.18 10.69 -23.59
N HIS D 22 -20.48 11.90 -23.09
CA HIS D 22 -21.68 12.58 -23.54
C HIS D 22 -21.64 12.91 -25.03
N LEU D 23 -20.48 13.34 -25.54
CA LEU D 23 -20.36 13.62 -26.97
C LEU D 23 -20.55 12.34 -27.81
N GLU D 24 -19.88 11.26 -27.42
CA GLU D 24 -20.04 10.00 -28.16
C GLU D 24 -21.50 9.56 -28.16
N ALA D 25 -22.19 9.73 -27.04
CA ALA D 25 -23.62 9.46 -26.99
C ALA D 25 -24.40 10.39 -27.92
N ASN D 26 -23.82 11.52 -28.31
CA ASN D 26 -24.46 12.41 -29.29
C ASN D 26 -23.95 12.21 -30.71
N GLY D 27 -23.15 11.18 -30.98
CA GLY D 27 -22.72 10.86 -32.33
C GLY D 27 -21.37 11.40 -32.75
N PHE D 28 -20.69 12.15 -31.89
CA PHE D 28 -19.37 12.65 -32.23
C PHE D 28 -18.33 11.54 -32.23
N LYS D 29 -17.40 11.64 -33.18
CA LYS D 29 -16.19 10.82 -33.20
C LYS D 29 -15.11 11.59 -32.44
N VAL D 30 -14.65 11.04 -31.32
CA VAL D 30 -13.73 11.71 -30.43
C VAL D 30 -12.37 11.02 -30.49
N THR D 31 -11.31 11.79 -30.69
CA THR D 31 -9.95 11.33 -30.43
C THR D 31 -9.53 11.90 -29.08
N ASP D 32 -9.10 11.02 -28.19
CA ASP D 32 -8.76 11.34 -26.80
C ASP D 32 -7.24 11.50 -26.68
N HIS D 33 -6.76 12.75 -26.58
CA HIS D 33 -5.33 13.05 -26.45
C HIS D 33 -5.01 13.35 -25.00
N VAL D 34 -4.26 12.47 -24.36
CA VAL D 34 -3.70 12.74 -23.04
C VAL D 34 -2.43 13.58 -23.13
N GLU D 35 -2.38 14.67 -22.37
CA GLU D 35 -1.27 15.62 -22.41
C GLU D 35 -0.91 16.11 -21.01
N ALA D 36 0.39 16.17 -20.66
CA ALA D 36 0.67 16.65 -19.32
C ALA D 36 0.83 18.16 -19.10
N ASP D 37 1.19 19.05 -20.04
CA ASP D 37 0.94 20.42 -19.55
C ASP D 37 -0.02 21.04 -20.54
N MET D 38 -1.28 21.18 -20.07
CA MET D 38 -2.41 21.71 -20.82
C MET D 38 -2.29 23.19 -21.06
N SER D 39 -1.49 23.91 -20.26
CA SER D 39 -1.29 25.34 -20.53
C SER D 39 -0.62 25.53 -21.88
N ALA D 40 0.28 24.62 -22.25
CA ALA D 40 0.86 24.63 -23.58
C ALA D 40 -0.23 24.43 -24.63
N VAL D 41 -1.21 23.57 -24.33
CA VAL D 41 -2.28 23.27 -25.27
C VAL D 41 -3.09 24.53 -25.57
N LYS D 42 -3.56 25.20 -24.51
CA LYS D 42 -4.44 26.35 -24.68
C LYS D 42 -3.71 27.45 -25.42
N SER D 43 -2.40 27.60 -25.16
CA SER D 43 -1.65 28.65 -25.83
C SER D 43 -1.49 28.37 -27.33
N ARG D 44 -1.32 27.10 -27.71
CA ARG D 44 -1.21 26.78 -29.14
C ARG D 44 -2.54 26.99 -29.88
N LEU D 45 -3.68 26.79 -29.22
CA LEU D 45 -4.96 27.01 -29.88
C LEU D 45 -5.53 28.38 -29.55
N GLY D 46 -4.78 29.22 -28.87
CA GLY D 46 -5.23 30.56 -28.63
C GLY D 46 -6.51 30.58 -27.82
N VAL D 47 -6.54 29.84 -26.73
CA VAL D 47 -7.64 29.93 -25.77
C VAL D 47 -7.29 31.04 -24.79
N PRO D 48 -8.13 32.05 -24.65
CA PRO D 48 -7.81 33.15 -23.71
C PRO D 48 -7.77 32.62 -22.30
N TYR D 49 -6.83 33.15 -21.51
CA TYR D 49 -6.64 32.72 -20.13
C TYR D 49 -7.95 32.74 -19.35
N SER D 50 -8.74 33.80 -19.50
CA SER D 50 -9.97 33.98 -18.76
C SER D 50 -11.05 33.01 -19.17
N MET D 51 -10.82 32.23 -20.22
CA MET D 51 -11.80 31.26 -20.64
C MET D 51 -11.35 29.83 -20.36
N GLY D 52 -10.24 29.65 -19.64
CA GLY D 52 -9.66 28.33 -19.50
C GLY D 52 -10.55 27.38 -18.70
N SER D 53 -10.28 26.09 -18.87
CA SER D 53 -11.06 25.07 -18.19
C SER D 53 -10.19 23.82 -18.09
N CYS D 54 -10.80 22.68 -17.77
CA CYS D 54 -10.02 21.46 -17.54
C CYS D 54 -9.60 20.77 -18.84
N HIS D 55 -10.22 21.09 -19.98
CA HIS D 55 -9.90 20.37 -21.21
C HIS D 55 -10.16 21.29 -22.41
N THR D 56 -9.54 20.93 -23.54
CA THR D 56 -9.63 21.69 -24.77
C THR D 56 -9.88 20.78 -25.98
N GLY D 57 -11.00 21.00 -26.64
CA GLY D 57 -11.27 20.37 -27.91
C GLY D 57 -11.10 21.36 -29.05
N VAL D 58 -10.89 20.82 -30.25
CA VAL D 58 -10.89 21.58 -31.49
C VAL D 58 -11.75 20.82 -32.49
N ILE D 59 -12.66 21.53 -33.14
CA ILE D 59 -13.54 20.94 -34.15
C ILE D 59 -13.59 21.89 -35.34
N ASP D 60 -13.27 21.38 -36.53
CA ASP D 60 -13.34 22.15 -37.77
C ASP D 60 -12.67 23.49 -37.58
N GLY D 61 -11.56 23.48 -36.86
CA GLY D 61 -10.77 24.67 -36.69
C GLY D 61 -11.10 25.50 -35.47
N LYS D 62 -12.22 25.25 -34.78
CA LYS D 62 -12.63 26.06 -33.65
C LYS D 62 -12.41 25.33 -32.33
N PHE D 63 -12.10 26.08 -31.29
CA PHE D 63 -11.80 25.43 -30.03
C PHE D 63 -13.06 25.30 -29.17
N VAL D 64 -13.06 24.27 -28.34
CA VAL D 64 -14.16 23.98 -27.44
C VAL D 64 -13.49 23.83 -26.08
N GLU D 65 -13.59 24.86 -25.25
CA GLU D 65 -12.96 24.90 -23.94
C GLU D 65 -13.97 24.56 -22.84
N GLY D 66 -13.72 23.45 -22.15
CA GLY D 66 -14.54 23.06 -21.02
C GLY D 66 -15.81 22.34 -21.38
N HIS D 67 -16.72 22.31 -20.41
CA HIS D 67 -17.90 21.44 -20.47
C HIS D 67 -19.02 22.12 -21.24
N VAL D 68 -18.72 22.38 -22.51
CA VAL D 68 -19.67 22.98 -23.45
C VAL D 68 -20.69 21.92 -23.87
N PRO D 69 -21.98 22.20 -23.81
CA PRO D 69 -22.97 21.22 -24.29
C PRO D 69 -22.88 20.98 -25.79
N ALA D 70 -23.25 19.77 -26.19
CA ALA D 70 -23.17 19.38 -27.60
C ALA D 70 -24.03 20.27 -28.49
N ALA D 71 -25.22 20.65 -28.01
CA ALA D 71 -26.07 21.47 -28.86
C ALA D 71 -25.39 22.79 -29.19
N ASP D 72 -24.57 23.28 -28.25
CA ASP D 72 -23.83 24.52 -28.48
C ASP D 72 -22.57 24.31 -29.30
N ILE D 73 -22.02 23.09 -29.31
CA ILE D 73 -20.95 22.83 -30.25
C ILE D 73 -21.50 22.91 -31.66
N LEU D 74 -22.70 22.41 -31.88
CA LEU D 74 -23.32 22.55 -33.20
C LEU D 74 -23.55 24.02 -33.56
N LYS D 75 -23.99 24.83 -32.59
CA LYS D 75 -24.17 26.26 -32.87
C LYS D 75 -22.84 26.96 -33.16
N LEU D 76 -21.79 26.62 -32.42
CA LEU D 76 -20.47 27.20 -32.69
C LEU D 76 -20.03 26.97 -34.13
N ARG D 77 -20.21 25.73 -34.63
CA ARG D 77 -19.76 25.40 -35.98
C ARG D 77 -20.50 26.26 -37.00
N GLU D 78 -21.79 26.50 -36.77
CA GLU D 78 -22.65 27.19 -37.71
C GLU D 78 -22.45 28.71 -37.72
N ARG D 79 -21.68 29.25 -36.77
CA ARG D 79 -21.55 30.69 -36.57
C ARG D 79 -20.18 31.12 -37.11
N ALA D 80 -20.19 31.71 -38.32
CA ALA D 80 -18.95 32.08 -38.99
C ALA D 80 -18.17 33.17 -38.26
N ASP D 81 -18.80 33.95 -37.37
CA ASP D 81 -18.08 35.00 -36.66
C ASP D 81 -17.31 34.48 -35.44
N LEU D 82 -17.48 33.23 -35.04
CA LEU D 82 -16.88 32.70 -33.83
C LEU D 82 -15.75 31.75 -34.14
N VAL D 83 -14.65 31.89 -33.38
CA VAL D 83 -13.48 31.03 -33.50
C VAL D 83 -13.37 30.00 -32.37
N GLY D 84 -14.26 30.04 -31.39
CA GLY D 84 -14.19 29.10 -30.29
C GLY D 84 -15.31 29.36 -29.33
N ALA D 85 -15.54 28.38 -28.45
CA ALA D 85 -16.49 28.56 -27.37
C ALA D 85 -15.92 27.94 -26.11
N ALA D 86 -16.21 28.56 -24.99
CA ALA D 86 -15.66 28.16 -23.70
C ALA D 86 -16.77 28.14 -22.66
N VAL D 87 -16.73 27.14 -21.78
CA VAL D 87 -17.38 27.22 -20.48
C VAL D 87 -16.27 27.33 -19.44
N PRO D 88 -15.97 28.53 -18.96
CA PRO D 88 -14.83 28.70 -18.05
C PRO D 88 -15.03 27.95 -16.75
N GLY D 89 -13.91 27.54 -16.13
CA GLY D 89 -13.99 26.87 -14.85
C GLY D 89 -14.62 25.49 -14.96
N MET D 90 -15.36 25.12 -13.92
CA MET D 90 -16.06 23.83 -13.86
C MET D 90 -17.40 23.98 -13.12
N PRO D 91 -18.40 24.58 -13.77
CA PRO D 91 -19.71 24.69 -13.11
C PRO D 91 -20.34 23.32 -12.91
N VAL D 92 -20.82 23.06 -11.70
CA VAL D 92 -21.50 21.81 -11.43
C VAL D 92 -22.83 21.81 -12.20
N GLY D 93 -23.18 20.67 -12.79
CA GLY D 93 -24.38 20.56 -13.59
C GLY D 93 -24.15 20.72 -15.08
N SER D 94 -23.01 21.25 -15.50
CA SER D 94 -22.71 21.24 -16.91
C SER D 94 -22.35 19.80 -17.31
N PRO D 95 -22.45 19.45 -18.59
CA PRO D 95 -22.33 18.02 -18.95
C PRO D 95 -20.96 17.45 -18.60
N GLY D 96 -20.98 16.32 -17.91
CA GLY D 96 -19.77 15.72 -17.39
C GLY D 96 -19.38 16.22 -16.02
N MET D 97 -20.03 17.29 -15.53
CA MET D 97 -19.87 17.79 -14.17
C MET D 97 -21.19 17.75 -13.41
N GLU D 98 -22.14 16.94 -13.87
CA GLU D 98 -23.43 16.88 -13.20
C GLU D 98 -23.28 16.07 -11.92
N OMT D 99 -23.84 16.59 -10.86
CA OMT D 99 -23.68 15.95 -9.59
CB OMT D 99 -22.35 16.37 -8.90
CG OMT D 99 -21.66 15.29 -8.05
SD OMT D 99 -20.70 14.06 -8.82
CE OMT D 99 -20.30 14.55 -10.40
C OMT D 99 -24.92 16.32 -8.79
O OMT D 99 -25.01 17.31 -8.07
OD1 OMT D 99 -21.55 12.95 -8.76
OD2 OMT D 99 -19.43 13.92 -8.24
N GLY D 100 -25.95 15.50 -8.96
CA GLY D 100 -27.18 15.70 -8.23
C GLY D 100 -28.02 16.76 -8.90
N ASP D 101 -28.91 17.38 -8.15
CA ASP D 101 -29.82 18.36 -8.74
C ASP D 101 -29.24 19.77 -8.76
N ARG D 102 -28.13 20.02 -8.05
CA ARG D 102 -27.55 21.34 -8.04
C ARG D 102 -26.89 21.66 -9.39
N GLN D 103 -27.03 22.90 -9.82
CA GLN D 103 -26.34 23.36 -11.01
C GLN D 103 -25.91 24.80 -10.80
N ASP D 104 -24.62 25.08 -10.99
CA ASP D 104 -24.16 26.46 -11.01
C ASP D 104 -24.64 27.15 -12.27
N ALA D 105 -25.04 28.41 -12.14
CA ALA D 105 -25.30 29.17 -13.36
C ALA D 105 -24.01 29.33 -14.15
N TYR D 106 -24.11 29.24 -15.46
CA TYR D 106 -22.92 29.41 -16.30
C TYR D 106 -23.37 29.79 -17.70
N GLN D 107 -22.42 30.31 -18.46
CA GLN D 107 -22.66 30.65 -19.86
C GLN D 107 -21.66 29.93 -20.74
N VAL D 108 -22.08 29.71 -21.97
CA VAL D 108 -21.15 29.33 -23.03
C VAL D 108 -20.72 30.60 -23.73
N VAL D 109 -19.43 30.89 -23.70
CA VAL D 109 -18.87 32.15 -24.15
C VAL D 109 -18.17 31.91 -25.46
N GLY D 110 -18.70 32.52 -26.53
CA GLY D 110 -18.03 32.47 -27.83
C GLY D 110 -16.93 33.53 -27.95
N LEU D 111 -15.93 33.23 -28.76
CA LEU D 111 -14.86 34.16 -29.06
C LEU D 111 -14.96 34.58 -30.53
N THR D 112 -14.87 35.88 -30.79
CA THR D 112 -15.10 36.39 -32.13
C THR D 112 -13.81 36.45 -32.93
N ARG D 113 -13.97 36.71 -34.24
CA ARG D 113 -12.82 36.93 -35.11
C ARG D 113 -12.01 38.16 -34.70
N SER D 114 -12.59 39.00 -33.84
CA SER D 114 -11.96 40.20 -33.31
C SER D 114 -11.42 40.01 -31.90
N GLY D 115 -11.67 38.86 -31.28
CA GLY D 115 -11.23 38.62 -29.92
C GLY D 115 -12.21 39.07 -28.87
N GLN D 116 -13.47 39.26 -29.24
CA GLN D 116 -14.48 39.74 -28.31
C GLN D 116 -15.34 38.57 -27.84
N ALA D 117 -15.88 38.71 -26.63
CA ALA D 117 -16.79 37.73 -26.05
C ALA D 117 -18.17 37.86 -26.67
N SER D 118 -18.87 36.73 -26.79
CA SER D 118 -20.24 36.74 -27.28
C SER D 118 -20.91 35.51 -26.70
N VAL D 119 -21.96 35.74 -25.91
CA VAL D 119 -22.63 34.67 -25.18
C VAL D 119 -23.45 33.83 -26.14
N LEU D 120 -23.11 32.55 -26.25
CA LEU D 120 -23.85 31.59 -27.07
C LEU D 120 -25.03 31.00 -26.33
N ALA D 121 -24.93 30.86 -25.02
CA ALA D 121 -25.94 30.18 -24.24
C ALA D 121 -25.76 30.52 -22.78
N GLU D 122 -26.87 30.55 -22.08
CA GLU D 122 -26.94 30.78 -20.64
C GLU D 122 -27.70 29.63 -20.02
N TYR D 123 -27.21 29.14 -18.89
CA TYR D 123 -27.82 28.01 -18.19
C TYR D 123 -28.03 28.50 -16.78
N PRO D 124 -29.28 28.64 -16.34
CA PRO D 124 -29.56 29.22 -15.02
C PRO D 124 -29.09 28.31 -13.90
N GLY D 125 -28.88 28.93 -12.74
CA GLY D 125 -28.46 28.19 -11.56
C GLY D 125 -29.54 27.29 -10.99
N ARG D 126 -29.14 26.52 -9.98
CA ARG D 126 -30.04 25.64 -9.22
C ARG D 126 -29.37 25.19 -7.91
N GLU E 1 1.20 16.27 38.66
CA GLU E 1 0.90 14.95 38.09
C GLU E 1 1.30 14.63 36.62
N PRO E 2 1.99 15.51 35.87
CA PRO E 2 2.41 15.10 34.52
C PRO E 2 3.37 13.94 34.66
N LEU E 3 3.35 13.04 33.68
CA LEU E 3 4.27 11.92 33.74
C LEU E 3 5.70 12.40 33.56
N ALA E 4 6.61 11.80 34.31
CA ALA E 4 8.02 12.15 34.30
C ALA E 4 8.83 11.00 33.70
N ILE E 5 9.86 11.33 32.94
CA ILE E 5 10.73 10.34 32.34
C ILE E 5 12.18 10.80 32.44
N ASP E 6 13.08 9.86 32.78
CA ASP E 6 14.50 10.11 33.03
C ASP E 6 15.23 9.54 31.81
N VAL E 7 15.89 10.40 31.05
CA VAL E 7 16.45 10.03 29.77
C VAL E 7 17.96 10.16 29.85
N HIS E 8 18.65 9.08 29.50
CA HIS E 8 20.09 9.06 29.44
C HIS E 8 20.54 8.90 27.99
N ARG E 9 21.57 9.64 27.60
CA ARG E 9 21.99 9.72 26.21
C ARG E 9 23.42 10.25 26.17
N ASP E 10 24.05 10.07 25.02
CA ASP E 10 25.35 10.72 24.79
C ASP E 10 25.15 12.21 24.55
N ALA E 11 26.17 13.00 24.89
CA ALA E 11 26.05 14.45 24.78
C ALA E 11 25.90 14.91 23.33
N ASN E 12 26.40 14.12 22.37
CA ASN E 12 26.39 14.48 20.97
C ASN E 12 25.40 13.64 20.16
N CYS E 13 24.40 13.07 20.81
CA CYS E 13 23.32 12.39 20.09
C CYS E 13 22.19 13.39 19.90
N GLY E 14 21.92 13.74 18.64
CA GLY E 14 20.93 14.74 18.33
C GLY E 14 19.51 14.23 18.10
N CYS E 15 19.37 13.16 17.32
CA CYS E 15 18.10 12.44 17.30
C CYS E 15 17.51 12.25 18.71
N CYS E 16 18.35 12.06 19.74
CA CYS E 16 17.84 11.88 21.11
C CYS E 16 17.34 13.17 21.75
N LYS E 17 17.86 14.33 21.34
CA LYS E 17 17.24 15.58 21.78
C LYS E 17 15.91 15.80 21.06
N ASP E 18 15.82 15.37 19.79
CA ASP E 18 14.57 15.59 19.05
C ASP E 18 13.46 14.77 19.67
N TRP E 19 13.76 13.51 20.01
CA TRP E 19 12.80 12.64 20.70
C TRP E 19 12.35 13.24 22.03
N ILE E 20 13.28 13.81 22.79
CA ILE E 20 12.93 14.49 24.03
C ILE E 20 11.94 15.63 23.75
N LYS E 21 12.14 16.36 22.65
CA LYS E 21 11.25 17.46 22.36
C LYS E 21 9.86 16.99 21.94
N HIS E 22 9.77 15.86 21.24
CA HIS E 22 8.45 15.29 20.91
C HIS E 22 7.71 14.87 22.16
N LEU E 23 8.41 14.29 23.14
CA LEU E 23 7.79 13.91 24.40
C LEU E 23 7.28 15.14 25.16
N GLU E 24 8.11 16.18 25.27
CA GLU E 24 7.66 17.39 25.93
C GLU E 24 6.44 17.98 25.21
N ALA E 25 6.42 17.89 23.87
CA ALA E 25 5.28 18.28 23.08
C ALA E 25 4.04 17.44 23.35
N ASN E 26 4.19 16.26 23.95
CA ASN E 26 3.04 15.47 24.36
C ASN E 26 2.74 15.64 25.83
N GLY E 27 3.40 16.58 26.50
CA GLY E 27 3.08 16.85 27.88
C GLY E 27 3.94 16.16 28.91
N PHE E 28 4.90 15.32 28.50
CA PHE E 28 5.80 14.68 29.44
C PHE E 28 6.78 15.69 30.03
N LYS E 29 7.12 15.51 31.29
CA LYS E 29 8.19 16.26 31.94
C LYS E 29 9.48 15.44 31.82
N VAL E 30 10.48 15.98 31.11
CA VAL E 30 11.67 15.19 30.80
C VAL E 30 12.90 15.71 31.54
N THR E 31 13.61 14.80 32.21
CA THR E 31 14.95 15.07 32.75
C THR E 31 15.99 14.58 31.76
N ASP E 32 16.86 15.49 31.33
CA ASP E 32 17.85 15.20 30.30
C ASP E 32 19.17 14.95 31.03
N HIS E 33 19.56 13.67 31.15
CA HIS E 33 20.82 13.26 31.77
C HIS E 33 21.83 12.93 30.67
N VAL E 34 22.88 13.73 30.57
CA VAL E 34 24.03 13.38 29.74
C VAL E 34 24.88 12.33 30.44
N GLU E 35 25.30 11.30 29.70
CA GLU E 35 25.99 10.16 30.27
C GLU E 35 27.23 9.82 29.46
N ALA E 36 28.34 9.59 30.18
CA ALA E 36 29.61 9.15 29.61
C ALA E 36 29.74 7.65 29.46
N ASP E 37 28.81 6.87 30.02
CA ASP E 37 28.94 5.41 30.00
C ASP E 37 27.58 4.78 29.63
N MET E 38 27.17 4.96 28.37
CA MET E 38 25.83 4.51 27.98
C MET E 38 25.71 2.99 27.98
N SER E 39 26.80 2.25 27.73
CA SER E 39 26.71 0.79 27.85
C SER E 39 26.45 0.37 29.29
N ALA E 40 27.05 1.09 30.24
CA ALA E 40 26.77 0.82 31.64
C ALA E 40 25.30 1.03 31.95
N VAL E 41 24.73 2.11 31.42
CA VAL E 41 23.34 2.43 31.71
C VAL E 41 22.45 1.31 31.18
N LYS E 42 22.69 0.88 29.94
CA LYS E 42 21.84 -0.12 29.30
C LYS E 42 21.91 -1.43 30.07
N SER E 43 23.08 -1.76 30.60
CA SER E 43 23.24 -2.96 31.40
C SER E 43 22.70 -2.77 32.82
N ARG E 44 22.84 -1.57 33.39
CA ARG E 44 22.33 -1.31 34.74
C ARG E 44 20.82 -1.48 34.84
N LEU E 45 20.14 -1.29 33.71
CA LEU E 45 18.66 -1.40 33.62
C LEU E 45 18.28 -2.72 32.96
N GLY E 46 19.26 -3.52 32.53
CA GLY E 46 18.91 -4.79 31.93
C GLY E 46 18.14 -4.66 30.64
N VAL E 47 18.64 -3.86 29.72
CA VAL E 47 18.14 -3.87 28.34
C VAL E 47 18.92 -4.96 27.63
N PRO E 48 18.24 -5.96 27.06
CA PRO E 48 18.94 -7.01 26.30
C PRO E 48 19.62 -6.42 25.09
N TYR E 49 20.81 -6.95 24.77
CA TYR E 49 21.54 -6.52 23.57
C TYR E 49 20.62 -6.47 22.36
N SER E 50 19.69 -7.42 22.26
CA SER E 50 18.84 -7.46 21.08
C SER E 50 17.88 -6.28 20.99
N MET E 51 17.75 -5.46 22.05
CA MET E 51 16.84 -4.32 22.04
C MET E 51 17.54 -2.96 22.11
N GLY E 52 18.87 -2.89 21.91
CA GLY E 52 19.58 -1.65 22.17
C GLY E 52 19.29 -0.54 21.18
N SER E 53 19.57 0.69 21.61
CA SER E 53 19.33 1.86 20.77
C SER E 53 20.19 3.03 21.28
N CYS E 54 19.88 4.24 20.79
CA CYS E 54 20.69 5.43 21.07
C CYS E 54 20.52 5.98 22.49
N HIS E 55 19.41 5.72 23.17
CA HIS E 55 19.17 6.38 24.45
C HIS E 55 18.28 5.47 25.28
N THR E 56 18.29 5.69 26.59
CA THR E 56 17.50 4.88 27.49
C THR E 56 16.77 5.78 28.47
N GLY E 57 15.45 5.74 28.43
CA GLY E 57 14.61 6.44 29.37
C GLY E 57 14.14 5.50 30.45
N VAL E 58 13.74 6.06 31.58
CA VAL E 58 13.11 5.29 32.64
C VAL E 58 11.85 6.04 33.07
N ILE E 59 10.73 5.35 33.11
CA ILE E 59 9.47 5.95 33.54
C ILE E 59 8.78 4.96 34.46
N ASP E 60 8.48 5.39 35.68
CA ASP E 60 7.79 4.57 36.68
C ASP E 60 8.45 3.19 36.81
N GLY E 61 9.77 3.16 36.74
CA GLY E 61 10.49 1.92 36.94
C GLY E 61 10.79 1.14 35.68
N LYS E 62 10.18 1.47 34.55
CA LYS E 62 10.35 0.69 33.33
C LYS E 62 11.26 1.41 32.34
N PHE E 63 12.00 0.65 31.55
CA PHE E 63 12.93 1.29 30.63
C PHE E 63 12.28 1.55 29.28
N VAL E 64 12.75 2.60 28.62
CA VAL E 64 12.23 2.99 27.31
C VAL E 64 13.46 3.15 26.43
N GLU E 65 13.72 2.16 25.61
CA GLU E 65 14.94 2.09 24.83
C GLU E 65 14.66 2.56 23.41
N GLY E 66 15.31 3.64 23.01
CA GLY E 66 15.18 4.12 21.65
C GLY E 66 13.94 4.96 21.41
N HIS E 67 13.62 5.08 20.12
CA HIS E 67 12.63 6.06 19.65
C HIS E 67 11.20 5.52 19.74
N VAL E 68 10.79 5.22 20.97
CA VAL E 68 9.43 4.75 21.23
C VAL E 68 8.45 5.92 21.15
N PRO E 69 7.37 5.81 20.39
CA PRO E 69 6.36 6.87 20.35
C PRO E 69 5.67 7.04 21.69
N ALA E 70 5.23 8.28 21.95
CA ALA E 70 4.58 8.64 23.22
C ALA E 70 3.35 7.76 23.50
N ALA E 71 2.55 7.47 22.47
CA ALA E 71 1.36 6.66 22.67
C ALA E 71 1.68 5.25 23.16
N ASP E 72 2.81 4.68 22.74
CA ASP E 72 3.20 3.36 23.18
C ASP E 72 3.87 3.34 24.54
N ILE E 73 4.46 4.46 24.97
CA ILE E 73 4.94 4.58 26.35
C ILE E 73 3.77 4.53 27.33
N LEU E 74 2.66 5.17 26.99
CA LEU E 74 1.47 5.09 27.84
C LEU E 74 0.98 3.66 27.94
N LYS E 75 1.02 2.92 26.82
CA LYS E 75 0.63 1.52 26.88
C LYS E 75 1.58 0.71 27.76
N LEU E 76 2.88 1.00 27.65
CA LEU E 76 3.88 0.35 28.49
C LEU E 76 3.58 0.55 29.97
N ARG E 77 3.23 1.77 30.37
CA ARG E 77 2.89 2.04 31.76
C ARG E 77 1.67 1.23 32.19
N GLU E 78 0.69 1.07 31.29
CA GLU E 78 -0.56 0.44 31.66
C GLU E 78 -0.44 -1.08 31.77
N ARG E 79 0.67 -1.67 31.30
CA ARG E 79 0.82 -3.12 31.22
C ARG E 79 1.65 -3.59 32.41
N ALA E 80 0.98 -4.16 33.43
CA ALA E 80 1.67 -4.59 34.64
C ALA E 80 2.65 -5.74 34.40
N ASP E 81 2.51 -6.49 33.31
CA ASP E 81 3.40 -7.59 32.98
C ASP E 81 4.71 -7.17 32.30
N LEU E 82 4.88 -5.91 31.91
CA LEU E 82 6.06 -5.48 31.13
C LEU E 82 7.01 -4.65 31.97
N VAL E 83 8.31 -4.86 31.78
CA VAL E 83 9.33 -4.10 32.49
C VAL E 83 10.01 -3.06 31.60
N GLY E 84 9.67 -3.01 30.32
CA GLY E 84 10.30 -2.07 29.42
C GLY E 84 9.75 -2.24 28.02
N ALA E 85 10.05 -1.26 27.19
CA ALA E 85 9.75 -1.31 25.77
C ALA E 85 10.93 -0.71 25.00
N ALA E 86 11.19 -1.26 23.81
CA ALA E 86 12.33 -0.85 23.00
C ALA E 86 11.91 -0.67 21.55
N VAL E 87 12.48 0.34 20.90
CA VAL E 87 12.57 0.35 19.44
C VAL E 87 14.05 0.17 19.12
N PRO E 88 14.48 -1.05 18.81
CA PRO E 88 15.94 -1.27 18.61
C PRO E 88 16.47 -0.49 17.42
N GLY E 89 17.76 -0.15 17.50
CA GLY E 89 18.36 0.57 16.41
C GLY E 89 17.82 1.98 16.30
N MET E 90 17.78 2.49 15.07
CA MET E 90 17.38 3.85 14.79
C MET E 90 16.57 3.88 13.51
N PRO E 91 15.35 3.34 13.53
CA PRO E 91 14.54 3.37 12.31
C PRO E 91 14.15 4.80 11.94
N VAL E 92 14.41 5.16 10.68
CA VAL E 92 14.05 6.48 10.17
C VAL E 92 12.54 6.63 10.16
N GLY E 93 12.06 7.79 10.57
CA GLY E 93 10.64 8.04 10.67
C GLY E 93 10.07 7.83 12.06
N SER E 94 10.78 7.15 12.94
CA SER E 94 10.35 7.07 14.31
C SER E 94 10.58 8.43 14.97
N PRO E 95 9.87 8.73 16.07
CA PRO E 95 9.90 10.11 16.60
C PRO E 95 11.31 10.49 17.04
N GLY E 96 11.77 11.65 16.56
CA GLY E 96 13.13 12.08 16.76
C GLY E 96 14.12 11.57 15.73
N MET E 97 13.70 10.65 14.85
CA MET E 97 14.53 10.11 13.78
C MET E 97 13.90 10.34 12.41
N GLU E 98 12.99 11.30 12.31
CA GLU E 98 12.31 11.54 11.04
C GLU E 98 13.21 12.33 10.10
N MET E 99 13.19 11.94 8.83
CA MET E 99 14.10 12.53 7.86
C MET E 99 13.45 12.75 6.51
N GLY E 100 12.17 13.06 6.49
CA GLY E 100 11.47 13.20 5.23
C GLY E 100 10.27 12.29 5.15
N ASP E 101 9.86 11.99 3.93
CA ASP E 101 8.66 11.20 3.73
C ASP E 101 8.91 9.71 3.84
N ARG E 102 10.17 9.28 3.73
CA ARG E 102 10.51 7.88 3.87
C ARG E 102 10.48 7.47 5.34
N GLN E 103 9.98 6.27 5.60
CA GLN E 103 9.97 5.70 6.94
C GLN E 103 10.27 4.22 6.90
N ASP E 104 11.25 3.78 7.67
CA ASP E 104 11.45 2.35 7.88
C ASP E 104 10.33 1.78 8.75
N ALA E 105 9.87 0.59 8.37
CA ALA E 105 8.98 -0.17 9.22
C ALA E 105 9.69 -0.58 10.51
N TYR E 106 8.95 -0.56 11.62
CA TYR E 106 9.54 -0.97 12.88
C TYR E 106 8.45 -1.39 13.86
N GLN E 107 8.88 -2.09 14.89
CA GLN E 107 8.02 -2.52 15.98
C GLN E 107 8.45 -1.88 17.29
N VAL E 108 7.49 -1.67 18.18
CA VAL E 108 7.80 -1.41 19.59
C VAL E 108 7.75 -2.74 20.34
N VAL E 109 8.87 -3.14 20.93
CA VAL E 109 9.01 -4.47 21.53
C VAL E 109 9.06 -4.34 23.05
N GLY E 110 8.02 -4.84 23.72
CA GLY E 110 8.04 -4.88 25.18
C GLY E 110 8.79 -6.08 25.71
N LEU E 111 9.36 -5.95 26.90
CA LEU E 111 9.95 -7.08 27.59
C LEU E 111 9.11 -7.39 28.81
N THR E 112 8.78 -8.67 29.00
CA THR E 112 7.91 -9.06 30.09
C THR E 112 8.72 -9.39 31.35
N ARG E 113 8.01 -9.49 32.49
CA ARG E 113 8.67 -9.93 33.71
C ARG E 113 9.25 -11.32 33.53
N SER E 114 8.58 -12.16 32.76
CA SER E 114 9.03 -13.50 32.44
C SER E 114 10.32 -13.52 31.63
N GLY E 115 10.76 -12.37 31.09
CA GLY E 115 11.95 -12.30 30.27
C GLY E 115 11.70 -12.54 28.81
N GLN E 116 10.45 -12.49 28.36
CA GLN E 116 10.07 -12.75 26.99
C GLN E 116 9.77 -11.41 26.29
N ALA E 117 9.95 -11.41 24.96
CA ALA E 117 9.65 -10.27 24.12
C ALA E 117 8.15 -10.23 23.78
N SER E 118 7.62 -9.02 23.62
CA SER E 118 6.19 -8.86 23.33
C SER E 118 5.95 -7.58 22.54
N VAL E 119 5.41 -7.72 21.34
CA VAL E 119 5.21 -6.59 20.44
C VAL E 119 4.06 -5.74 20.92
N LEU E 120 4.35 -4.47 21.25
CA LEU E 120 3.32 -3.53 21.67
C LEU E 120 2.68 -2.82 20.47
N ALA E 121 3.44 -2.60 19.40
CA ALA E 121 2.97 -1.82 18.26
C ALA E 121 3.90 -2.10 17.10
N GLU E 122 3.33 -2.08 15.90
CA GLU E 122 4.09 -2.33 14.68
C GLU E 122 3.75 -1.13 13.81
N TYR E 123 4.73 -0.58 13.08
CA TYR E 123 4.49 0.61 12.26
C TYR E 123 4.93 0.37 10.83
N PRO E 124 4.03 0.42 9.85
CA PRO E 124 4.42 0.20 8.45
C PRO E 124 5.30 1.31 7.94
N GLY E 125 6.15 0.97 6.97
CA GLY E 125 7.02 1.93 6.32
C GLY E 125 6.37 2.63 5.13
N ARG E 126 7.20 3.38 4.40
CA ARG E 126 6.79 4.03 3.14
C ARG E 126 7.77 3.73 2.01
N GLU F 1 24.36 43.03 12.05
CA GLU F 1 24.15 42.76 10.64
C GLU F 1 24.22 41.27 10.43
N PRO F 2 23.26 40.53 11.01
CA PRO F 2 23.32 39.06 10.92
C PRO F 2 23.20 38.55 9.50
N LEU F 3 23.91 37.47 9.23
CA LEU F 3 23.78 36.84 7.93
C LEU F 3 22.42 36.18 7.82
N ALA F 4 21.80 36.30 6.64
CA ALA F 4 20.49 35.73 6.38
C ALA F 4 20.66 34.58 5.39
N ILE F 5 19.95 33.48 5.64
CA ILE F 5 19.97 32.32 4.75
C ILE F 5 18.55 31.75 4.62
N ASP F 6 18.21 31.38 3.39
CA ASP F 6 16.88 30.91 3.05
C ASP F 6 16.96 29.40 2.85
N VAL F 7 16.23 28.65 3.69
CA VAL F 7 16.33 27.21 3.76
C VAL F 7 14.99 26.60 3.33
N HIS F 8 15.03 25.70 2.36
CA HIS F 8 13.85 24.97 1.90
C HIS F 8 13.98 23.50 2.29
N ARG F 9 12.89 22.90 2.77
CA ARG F 9 12.95 21.55 3.34
C ARG F 9 11.55 20.94 3.41
N ASP F 10 11.47 19.62 3.54
CA ASP F 10 10.19 18.92 3.73
C ASP F 10 9.72 19.05 5.19
N ALA F 11 8.41 19.02 5.39
CA ALA F 11 7.87 19.20 6.73
C ALA F 11 8.30 18.11 7.70
N ASN F 12 8.59 16.91 7.18
CA ASN F 12 8.88 15.80 8.08
C ASN F 12 10.37 15.46 8.07
N CYS F 13 11.23 16.46 8.15
CA CYS F 13 12.69 16.29 8.02
C CYS F 13 13.37 16.94 9.22
N GLY F 14 13.64 16.14 10.26
CA GLY F 14 14.17 16.64 11.51
C GLY F 14 15.65 17.00 11.45
N CYS F 15 16.48 16.13 10.85
CA CYS F 15 17.85 16.54 10.52
C CYS F 15 17.90 17.94 9.91
N CYS F 16 17.11 18.19 8.88
CA CYS F 16 17.13 19.53 8.28
C CYS F 16 16.77 20.60 9.32
N LYS F 17 15.80 20.32 10.19
CA LYS F 17 15.43 21.29 11.21
C LYS F 17 16.51 21.44 12.28
N ASP F 18 17.22 20.35 12.61
CA ASP F 18 18.32 20.44 13.58
C ASP F 18 19.45 21.32 13.05
N TRP F 19 19.80 21.16 11.77
CA TRP F 19 20.81 21.99 11.15
C TRP F 19 20.45 23.47 11.24
N ILE F 20 19.19 23.81 10.97
CA ILE F 20 18.78 25.21 11.12
C ILE F 20 19.05 25.71 12.53
N LYS F 21 18.82 24.87 13.54
CA LYS F 21 19.04 25.31 14.91
C LYS F 21 20.52 25.50 15.19
N HIS F 22 21.37 24.67 14.58
CA HIS F 22 22.80 24.88 14.70
C HIS F 22 23.22 26.20 14.05
N LEU F 23 22.63 26.57 12.90
CA LEU F 23 22.94 27.86 12.27
C LEU F 23 22.50 29.02 13.15
N GLU F 24 21.25 29.02 13.60
CA GLU F 24 20.80 30.07 14.50
C GLU F 24 21.65 30.09 15.77
N ALA F 25 22.11 28.93 16.22
CA ALA F 25 23.04 28.89 17.35
C ALA F 25 24.36 29.57 17.01
N ASN F 26 24.67 29.73 15.72
CA ASN F 26 25.85 30.46 15.25
C ASN F 26 25.56 31.90 14.80
N GLY F 27 24.35 32.41 15.04
CA GLY F 27 24.07 33.80 14.73
C GLY F 27 23.42 34.07 13.38
N PHE F 28 23.20 33.04 12.57
CA PHE F 28 22.52 33.25 11.30
C PHE F 28 21.05 33.56 11.52
N LYS F 29 20.53 34.42 10.66
CA LYS F 29 19.10 34.64 10.56
C LYS F 29 18.57 33.69 9.49
N VAL F 30 17.72 32.74 9.89
CA VAL F 30 17.24 31.68 9.00
C VAL F 30 15.76 31.88 8.74
N THR F 31 15.35 31.86 7.48
CA THR F 31 13.95 31.69 7.12
C THR F 31 13.70 30.23 6.73
N ASP F 32 12.71 29.61 7.37
CA ASP F 32 12.42 28.19 7.21
C ASP F 32 11.28 28.03 6.18
N HIS F 33 11.63 27.63 4.95
CA HIS F 33 10.67 27.41 3.87
C HIS F 33 10.38 25.91 3.81
N VAL F 34 9.20 25.52 4.23
CA VAL F 34 8.77 24.13 4.11
C VAL F 34 8.20 23.87 2.73
N GLU F 35 8.58 22.76 2.08
CA GLU F 35 7.99 22.42 0.78
C GLU F 35 7.69 20.93 0.59
N ALA F 36 6.54 20.67 -0.05
CA ALA F 36 6.09 19.32 -0.39
C ALA F 36 6.60 18.80 -1.73
N ASP F 37 7.32 19.60 -2.51
CA ASP F 37 7.80 19.21 -3.84
C ASP F 37 9.26 19.67 -3.98
N MET F 38 10.17 19.01 -3.24
CA MET F 38 11.54 19.49 -3.11
C MET F 38 12.39 19.47 -4.38
N SER F 39 12.11 18.60 -5.33
CA SER F 39 12.93 18.51 -6.55
C SER F 39 12.85 19.80 -7.35
N ALA F 40 11.72 20.50 -7.28
CA ALA F 40 11.63 21.78 -7.96
C ALA F 40 12.66 22.74 -7.40
N VAL F 41 12.80 22.76 -6.07
CA VAL F 41 13.71 23.68 -5.38
C VAL F 41 15.16 23.44 -5.75
N LYS F 42 15.62 22.19 -5.60
CA LYS F 42 17.04 21.91 -5.83
C LYS F 42 17.41 22.17 -7.28
N SER F 43 16.54 21.76 -8.20
CA SER F 43 16.81 21.93 -9.62
C SER F 43 16.79 23.40 -10.04
N ARG F 44 15.91 24.20 -9.41
CA ARG F 44 15.77 25.59 -9.83
C ARG F 44 17.05 26.40 -9.68
N LEU F 45 17.92 26.09 -8.72
CA LEU F 45 19.17 26.84 -8.62
C LEU F 45 20.33 26.08 -9.25
N GLY F 46 20.06 24.96 -9.93
CA GLY F 46 21.09 24.24 -10.63
C GLY F 46 22.19 23.66 -9.79
N VAL F 47 21.81 22.92 -8.75
CA VAL F 47 22.76 22.09 -8.00
C VAL F 47 22.79 20.73 -8.65
N PRO F 48 23.98 20.22 -9.05
CA PRO F 48 24.02 18.97 -9.81
C PRO F 48 23.50 17.77 -9.03
N TYR F 49 22.81 16.88 -9.76
CA TYR F 49 22.19 15.68 -9.20
C TYR F 49 23.14 14.90 -8.30
N SER F 50 24.41 14.81 -8.68
CA SER F 50 25.35 13.99 -7.90
C SER F 50 25.72 14.59 -6.54
N MET F 51 25.33 15.84 -6.24
CA MET F 51 25.66 16.44 -4.95
C MET F 51 24.46 16.66 -4.03
N GLY F 52 23.31 16.08 -4.34
CA GLY F 52 22.09 16.36 -3.59
C GLY F 52 22.16 15.88 -2.15
N SER F 53 21.25 16.43 -1.34
CA SER F 53 21.16 16.12 0.08
C SER F 53 19.72 16.37 0.56
N CYS F 54 19.51 16.41 1.87
CA CYS F 54 18.17 16.51 2.42
C CYS F 54 17.55 17.89 2.29
N HIS F 55 18.33 18.96 2.14
CA HIS F 55 17.79 20.32 2.18
C HIS F 55 18.69 21.21 1.33
N THR F 56 18.16 22.36 0.95
CA THR F 56 18.90 23.32 0.14
C THR F 56 18.75 24.71 0.72
N GLY F 57 19.86 25.33 1.10
CA GLY F 57 19.85 26.70 1.54
C GLY F 57 20.38 27.62 0.45
N VAL F 58 20.01 28.90 0.55
CA VAL F 58 20.58 29.96 -0.28
C VAL F 58 20.94 31.12 0.62
N ILE F 59 22.17 31.62 0.49
CA ILE F 59 22.65 32.75 1.28
C ILE F 59 23.39 33.66 0.32
N ASP F 60 22.99 34.92 0.29
CA ASP F 60 23.65 35.96 -0.51
C ASP F 60 23.87 35.47 -1.94
N GLY F 61 22.88 34.75 -2.47
CA GLY F 61 22.89 34.32 -3.85
C GLY F 61 23.47 32.95 -4.11
N LYS F 62 24.17 32.35 -3.16
CA LYS F 62 24.84 31.06 -3.38
C LYS F 62 24.07 29.97 -2.66
N PHE F 63 24.12 28.76 -3.22
CA PHE F 63 23.36 27.67 -2.62
C PHE F 63 24.19 26.91 -1.60
N VAL F 64 23.49 26.35 -0.62
CA VAL F 64 24.09 25.58 0.47
C VAL F 64 23.35 24.26 0.54
N GLU F 65 23.94 23.18 0.01
CA GLU F 65 23.27 21.89 -0.10
C GLU F 65 23.65 20.94 1.03
N GLY F 66 22.68 20.56 1.84
CA GLY F 66 22.98 19.59 2.87
C GLY F 66 23.61 20.21 4.09
N HIS F 67 24.24 19.34 4.88
CA HIS F 67 24.68 19.69 6.23
C HIS F 67 26.06 20.34 6.25
N VAL F 68 26.11 21.51 5.62
CA VAL F 68 27.34 22.29 5.60
C VAL F 68 27.56 22.95 6.96
N PRO F 69 28.74 22.81 7.57
CA PRO F 69 29.03 23.49 8.82
C PRO F 69 29.05 25.00 8.63
N ALA F 70 28.70 25.74 9.70
CA ALA F 70 28.65 27.20 9.60
C ALA F 70 29.99 27.81 9.19
N ALA F 71 31.10 27.26 9.69
CA ALA F 71 32.41 27.82 9.37
C ALA F 71 32.69 27.78 7.87
N ASP F 72 32.18 26.76 7.16
CA ASP F 72 32.36 26.65 5.72
C ASP F 72 31.39 27.50 4.93
N ILE F 73 30.23 27.85 5.51
CA ILE F 73 29.39 28.83 4.85
C ILE F 73 30.10 30.18 4.82
N LEU F 74 30.81 30.52 5.89
CA LEU F 74 31.59 31.75 5.88
C LEU F 74 32.67 31.71 4.80
N LYS F 75 33.33 30.56 4.64
CA LYS F 75 34.32 30.44 3.59
C LYS F 75 33.68 30.55 2.22
N LEU F 76 32.50 29.92 2.04
CA LEU F 76 31.77 30.04 0.78
C LEU F 76 31.47 31.51 0.44
N ARG F 77 31.04 32.30 1.44
CA ARG F 77 30.80 33.72 1.19
C ARG F 77 32.07 34.47 0.78
N GLU F 78 33.22 34.14 1.37
CA GLU F 78 34.42 34.93 1.10
C GLU F 78 35.01 34.66 -0.29
N ARG F 79 34.56 33.62 -0.98
CA ARG F 79 35.15 33.13 -2.23
C ARG F 79 34.28 33.52 -3.43
N ALA F 80 34.71 34.57 -4.13
CA ALA F 80 33.93 35.10 -5.25
C ALA F 80 33.79 34.12 -6.40
N ASP F 81 34.66 33.11 -6.48
CA ASP F 81 34.64 32.11 -7.55
C ASP F 81 33.63 30.99 -7.35
N LEU F 82 33.00 30.89 -6.19
CA LEU F 82 32.11 29.77 -5.88
C LEU F 82 30.67 30.25 -5.90
N VAL F 83 29.80 29.44 -6.52
CA VAL F 83 28.38 29.74 -6.58
C VAL F 83 27.57 28.90 -5.61
N GLY F 84 28.20 27.97 -4.89
CA GLY F 84 27.51 27.11 -3.94
C GLY F 84 28.47 26.14 -3.29
N ALA F 85 28.00 25.53 -2.19
CA ALA F 85 28.71 24.47 -1.49
C ALA F 85 27.75 23.38 -1.04
N ALA F 86 28.22 22.13 -1.04
CA ALA F 86 27.40 20.97 -0.75
C ALA F 86 28.15 19.99 0.14
N VAL F 87 27.43 19.39 1.10
CA VAL F 87 27.81 18.12 1.72
C VAL F 87 26.79 17.11 1.22
N PRO F 88 27.10 16.32 0.20
CA PRO F 88 26.09 15.43 -0.38
C PRO F 88 25.59 14.38 0.59
N GLY F 89 24.35 13.96 0.39
CA GLY F 89 23.83 12.91 1.25
C GLY F 89 23.62 13.38 2.68
N MET F 90 23.80 12.43 3.60
CA MET F 90 23.57 12.67 5.03
C MET F 90 24.61 11.94 5.85
N PRO F 91 25.87 12.38 5.81
CA PRO F 91 26.88 11.74 6.65
C PRO F 91 26.54 11.99 8.11
N VAL F 92 26.46 10.92 8.89
CA VAL F 92 26.20 11.08 10.31
C VAL F 92 27.37 11.79 10.96
N GLY F 93 27.08 12.70 11.90
CA GLY F 93 28.08 13.50 12.55
C GLY F 93 28.27 14.89 11.98
N SER F 94 27.77 15.16 10.78
CA SER F 94 27.78 16.51 10.28
C SER F 94 26.73 17.29 11.06
N PRO F 95 26.82 18.61 11.10
CA PRO F 95 25.92 19.37 12.00
C PRO F 95 24.45 19.18 11.64
N GLY F 96 23.66 18.83 12.65
CA GLY F 96 22.28 18.47 12.46
C GLY F 96 22.06 17.01 12.13
N MET F 97 23.13 16.25 11.88
CA MET F 97 23.04 14.81 11.67
C MET F 97 23.84 14.06 12.73
N GLU F 98 24.17 14.74 13.82
CA GLU F 98 24.99 14.14 14.86
C GLU F 98 24.14 13.19 15.71
N MET F 99 24.65 12.00 15.93
CA MET F 99 23.88 10.95 16.56
C MET F 99 24.77 10.18 17.53
N GLY F 100 25.67 10.88 18.21
CA GLY F 100 26.56 10.19 19.10
C GLY F 100 28.01 10.53 18.80
N ASP F 101 28.90 9.62 19.20
CA ASP F 101 30.32 9.85 19.07
C ASP F 101 30.86 9.47 17.71
N ARG F 102 30.11 8.71 16.93
CA ARG F 102 30.50 8.35 15.58
C ARG F 102 30.31 9.52 14.63
N GLN F 103 31.22 9.65 13.68
CA GLN F 103 31.07 10.65 12.63
C GLN F 103 31.56 10.05 11.33
N ASP F 104 30.73 10.09 10.29
CA ASP F 104 31.21 9.72 8.98
C ASP F 104 32.15 10.78 8.44
N ALA F 105 33.25 10.33 7.83
CA ALA F 105 34.10 11.25 7.11
C ALA F 105 33.31 11.85 5.96
N TYR F 106 33.53 13.14 5.70
CA TYR F 106 32.86 13.84 4.61
C TYR F 106 33.66 15.08 4.23
N GLN F 107 33.36 15.60 3.04
CA GLN F 107 33.95 16.82 2.53
C GLN F 107 32.88 17.84 2.19
N VAL F 108 33.24 19.11 2.32
CA VAL F 108 32.47 20.20 1.75
C VAL F 108 33.05 20.49 0.37
N VAL F 109 32.23 20.32 -0.66
CA VAL F 109 32.65 20.44 -2.03
C VAL F 109 32.08 21.75 -2.54
N GLY F 110 32.95 22.70 -2.85
CA GLY F 110 32.50 23.93 -3.44
C GLY F 110 32.33 23.76 -4.94
N LEU F 111 31.39 24.54 -5.48
CA LEU F 111 31.15 24.56 -6.92
C LEU F 111 31.47 25.94 -7.48
N THR F 112 32.23 25.97 -8.55
CA THR F 112 32.61 27.24 -9.15
C THR F 112 31.59 27.63 -10.22
N ARG F 113 31.78 28.83 -10.77
CA ARG F 113 30.80 29.37 -11.73
C ARG F 113 30.75 28.59 -13.06
N SER F 114 31.74 27.72 -13.33
CA SER F 114 31.70 26.79 -14.45
C SER F 114 30.64 25.72 -14.24
N GLY F 115 30.31 25.46 -12.98
CA GLY F 115 29.85 24.15 -12.57
C GLY F 115 30.92 23.14 -12.16
N GLN F 116 32.08 23.60 -11.66
CA GLN F 116 33.17 22.63 -11.34
C GLN F 116 33.33 22.44 -9.82
N ALA F 117 33.84 21.27 -9.42
CA ALA F 117 34.09 20.97 -8.01
C ALA F 117 35.45 21.43 -7.50
N SER F 118 35.46 21.79 -6.22
CA SER F 118 36.63 22.30 -5.51
C SER F 118 36.42 22.00 -4.03
N VAL F 119 37.30 21.22 -3.41
CA VAL F 119 37.08 20.81 -2.04
C VAL F 119 37.32 22.00 -1.12
N LEU F 120 36.28 22.42 -0.40
CA LEU F 120 36.33 23.53 0.55
C LEU F 120 36.81 23.13 1.94
N ALA F 121 36.52 21.92 2.38
CA ALA F 121 36.80 21.51 3.75
C ALA F 121 36.72 20.00 3.81
N GLU F 122 37.54 19.41 4.68
CA GLU F 122 37.52 17.97 4.89
C GLU F 122 37.34 17.69 6.38
N TYR F 123 36.48 16.72 6.69
CA TYR F 123 36.20 16.38 8.08
C TYR F 123 36.41 14.88 8.26
N PRO F 124 37.45 14.48 8.97
CA PRO F 124 37.76 13.06 9.10
C PRO F 124 36.72 12.32 9.93
N GLY F 125 36.63 11.01 9.68
CA GLY F 125 35.88 10.15 10.58
C GLY F 125 36.40 10.23 12.00
N ARG F 126 35.49 9.99 12.95
CA ARG F 126 35.79 10.18 14.36
C ARG F 126 34.93 9.25 15.25
CU CU G . -4.50 -29.85 8.04
CU CU H . -2.45 -29.14 6.31
CU CU I . -0.08 -27.33 5.02
ZN ZN J . -4.27 -32.11 -3.67
ZN ZN K . -18.49 -33.70 14.25
ZN ZN L . -8.27 -18.78 12.16
ZN ZN M . -6.91 -55.61 5.32
ZN ZN N . 6.43 -32.89 -12.45
C ACT O . -2.30 -27.23 -1.08
O ACT O . -2.09 -28.38 -1.65
OXT ACT O . -3.40 -26.59 -0.88
CH3 ACT O . -1.03 -26.49 -0.56
ZN ZN P . -13.63 -23.64 18.19
ZN ZN Q . -18.04 -32.42 17.21
CU CU R . 2.50 -22.17 -7.79
CU CU S . 2.51 -22.68 -5.08
CU CU T . 3.18 -24.26 -2.35
ZN ZN U . -7.18 -21.88 -0.80
ZN ZN V . 0.60 -20.32 -22.22
ZN ZN W . -7.48 -26.62 -13.73
ZN ZN X . -10.91 -24.16 -12.85
ZN ZN Y . -8.19 0.41 -9.44
CU CU Z . -20.62 7.95 -6.80
CU CU AA . -18.59 9.94 -6.92
CU CU BA . -20.80 10.28 -8.40
CU CU CA . -17.54 12.81 -6.99
ZN ZN DA . -11.42 7.73 -14.57
ZN ZN EA . -30.75 -1.90 -8.28
ZN ZN FA . -24.90 3.26 -17.22
ZN ZN GA . -21.66 0.39 -18.28
ZN ZN HA . -7.15 -12.54 -2.73
C ACT IA . -13.02 -9.84 -12.34
O ACT IA . -14.25 -10.05 -12.32
OXT ACT IA . -12.15 -10.37 -13.09
CH3 ACT IA . -12.50 -8.78 -11.30
CU CU JA . -14.71 18.85 -13.49
ZN ZN KA . -22.48 12.46 -17.33
CU CU LA . -12.35 18.71 -18.70
CU CU MA . -13.86 18.79 -16.34
CU CU NA . -12.30 16.63 -16.48
ZN ZN OA . -4.68 17.63 -31.24
ZN ZN PA . -10.56 7.82 -23.94
ZN ZN QA . -13.86 7.47 -26.59
ZN ZN RA . -28.44 24.17 -37.43
C ACT SA . -23.66 13.97 -34.89
O ACT SA . -24.35 12.95 -35.18
OXT ACT SA . -22.41 14.16 -35.08
CH3 ACT SA . -24.43 15.18 -34.22
ZN ZN TA . 4.18 25.61 -20.19
ZN ZN UA . -2.19 11.86 -29.25
CU CU VA . 18.35 8.30 21.14
CU CU WA . 18.46 8.47 18.34
CU CU XA . 19.58 8.67 15.39
ZN ZN YA . 11.40 15.76 15.33
ZN ZN ZA . 18.74 9.51 35.49
ZN ZN AB . 13.98 19.85 27.91
ZN ZN BB . 30.08 10.75 23.53
ZN ZN CB . -4.96 3.85 28.29
ZN ZN DB . 6.74 15.71 2.93
ZN ZN EB . 26.44 7.01 34.44
CU CU FB . 18.47 18.57 5.38
CU CU GB . 19.38 16.29 6.85
CU CU HB . 19.38 13.15 8.03
ZN ZN IB . 21.92 18.96 16.60
ZN ZN JB . 12.83 30.52 -0.49
ZN ZN KB . 37.80 35.36 7.13
ZN ZN LB . 42.22 16.44 0.97
#